data_3IUK
#
_entry.id   3IUK
#
_cell.length_a   59.614
_cell.length_b   85.394
_cell.length_c   115.489
_cell.angle_alpha   90.00
_cell.angle_beta   90.78
_cell.angle_gamma   90.00
#
_symmetry.space_group_name_H-M   'P 1 21 1'
#
loop_
_entity.id
_entity.type
_entity.pdbx_description
1 polymer 'uncharacterized protein'
2 non-polymer GLYCEROL
3 non-polymer 'MAGNESIUM ION'
4 water water
#
_entity_poly.entity_id   1
_entity_poly.type   'polypeptide(L)'
_entity_poly.pdbx_seq_one_letter_code
;SNA(MSE)TTANTPVRPKSAIDAVADAYTEKLIELNPSFATTLGLPGHETEYQDYSPAGAAAHAEATRLALEALAGLEPS
DDVDAVTLDA(MSE)RERLGLELEIHQSGWDAADLNNIASPAQDIRAIFDL(MSE)PTDTVEHWEHIAGRAANVPGAIEG
YIASLRAAKDDRKVAAARQIRIVIEQTGRYAAEDGFFAK(MSE)AADASLGDAPLPAEVQDKLDAGTSAARSAYSALGAF
LRDELLPVAPEKDAVGRERYSLASRSFIGAEVDLEETYAWGVQELERLISEQEKVAGQIKPGASIEEAKSILNNDPARQI
KGTDALKAW(MSE)QELSDRAVSELADVHFDIPDV(MSE)KTLEC(MSE)IAPTDEGGIYYTGPSDDFSRPGR(MSE)WW
SVPAGEDTFTTWSETTTVFHEGVPGHHLQVATATYRRELLNNWRRNVCWVSGHGEGWALYAEQL(MSE)LELGYLKDPGD
H(MSE)G(MSE)LDGQR(MSE)RAARVVFDIGVHLELPVPERWGTGTWTPEKGFDFLKANLDISEGQLQFEFTRYLGWPG
QAPSYKVGQRLWEQIRAELESREGFDLKSFHSKALNIGSVGLDVLRRALL
;
_entity_poly.pdbx_strand_id   A,B
#
loop_
_chem_comp.id
_chem_comp.type
_chem_comp.name
_chem_comp.formula
GOL non-polymer GLYCEROL 'C3 H8 O3'
MG non-polymer 'MAGNESIUM ION' 'Mg 2'
#
# COMPACT_ATOMS: atom_id res chain seq x y z
N VAL A 11 -37.54 -11.02 27.54
CA VAL A 11 -37.78 -10.44 28.91
C VAL A 11 -36.63 -9.56 29.42
N ARG A 12 -35.88 -8.91 28.52
CA ARG A 12 -34.87 -7.92 28.93
C ARG A 12 -35.56 -6.57 29.09
N PRO A 13 -35.54 -6.01 30.30
CA PRO A 13 -36.31 -4.80 30.57
C PRO A 13 -35.63 -3.57 29.98
N LYS A 14 -36.41 -2.58 29.59
CA LYS A 14 -35.85 -1.38 29.00
C LYS A 14 -35.13 -0.55 30.04
N SER A 15 -33.95 -0.05 29.69
CA SER A 15 -33.07 0.70 30.60
C SER A 15 -33.32 2.22 30.47
N ALA A 16 -32.64 3.01 31.27
CA ALA A 16 -32.79 4.45 31.17
C ALA A 16 -32.27 4.91 29.79
N ILE A 17 -31.20 4.28 29.32
CA ILE A 17 -30.66 4.60 28.02
C ILE A 17 -31.64 4.27 26.89
N ASP A 18 -32.31 3.12 26.98
CA ASP A 18 -33.34 2.79 26.00
C ASP A 18 -34.46 3.81 26.05
N ALA A 19 -34.81 4.29 27.25
CA ALA A 19 -35.83 5.34 27.42
C ALA A 19 -35.47 6.64 26.71
N VAL A 20 -34.24 7.11 26.86
CA VAL A 20 -33.77 8.27 26.12
C VAL A 20 -33.84 8.06 24.60
N ALA A 21 -33.44 6.87 24.17
CA ALA A 21 -33.40 6.48 22.78
C ALA A 21 -34.80 6.46 22.22
N ASP A 22 -35.76 5.93 23.00
CA ASP A 22 -37.17 5.87 22.61
C ASP A 22 -37.81 7.28 22.55
N ALA A 23 -37.46 8.14 23.50
CA ALA A 23 -38.00 9.51 23.55
C ALA A 23 -37.50 10.34 22.35
N TYR A 24 -36.23 10.19 22.07
CA TYR A 24 -35.59 10.82 20.89
C TYR A 24 -36.29 10.32 19.64
N THR A 25 -36.52 9.03 19.54
CA THR A 25 -37.27 8.51 18.41
C THR A 25 -38.63 9.21 18.32
N GLU A 26 -39.34 9.34 19.42
CA GLU A 26 -40.66 9.99 19.35
CA GLU A 26 -40.66 10.01 19.37
C GLU A 26 -40.53 11.45 18.85
N LYS A 27 -39.47 12.13 19.25
CA LYS A 27 -39.25 13.50 18.78
C LYS A 27 -38.99 13.51 17.26
N LEU A 28 -38.25 12.52 16.76
CA LEU A 28 -37.97 12.42 15.35
C LEU A 28 -39.27 12.26 14.57
N ILE A 29 -40.16 11.43 15.11
CA ILE A 29 -41.49 11.17 14.53
C ILE A 29 -42.31 12.48 14.54
N GLU A 30 -42.27 13.19 15.66
CA GLU A 30 -42.93 14.47 15.83
C GLU A 30 -42.40 15.52 14.83
N LEU A 31 -41.08 15.59 14.67
CA LEU A 31 -40.44 16.51 13.73
C LEU A 31 -40.59 16.17 12.24
N ASN A 32 -40.68 14.87 11.94
CA ASN A 32 -40.78 14.39 10.56
C ASN A 32 -42.01 13.50 10.37
N PRO A 33 -43.16 14.10 10.08
CA PRO A 33 -44.34 13.27 9.93
C PRO A 33 -44.25 12.25 8.77
N SER A 34 -43.47 12.54 7.73
CA SER A 34 -43.26 11.59 6.63
C SER A 34 -42.64 10.32 7.15
N PHE A 35 -41.78 10.44 8.16
CA PHE A 35 -41.18 9.29 8.81
C PHE A 35 -42.21 8.38 9.50
N ALA A 36 -43.25 8.98 10.10
CA ALA A 36 -44.36 8.20 10.70
C ALA A 36 -45.13 7.44 9.65
N THR A 37 -45.38 8.03 8.50
CA THR A 37 -46.18 7.31 7.51
C THR A 37 -45.32 6.15 6.94
N THR A 38 -44.03 6.40 6.72
CA THR A 38 -43.16 5.31 6.27
C THR A 38 -42.97 4.25 7.38
N LEU A 39 -43.33 4.57 8.63
CA LEU A 39 -43.34 3.58 9.74
C LEU A 39 -44.71 2.92 9.93
N GLY A 40 -45.69 3.33 9.12
CA GLY A 40 -47.05 2.82 9.25
C GLY A 40 -47.88 3.44 10.39
N LEU A 41 -47.33 4.45 11.08
CA LEU A 41 -48.02 5.13 12.19
C LEU A 41 -49.09 6.09 11.63
N PRO A 42 -50.38 5.93 12.04
CA PRO A 42 -51.39 6.92 11.62
C PRO A 42 -51.22 8.28 12.33
N GLY A 43 -51.99 9.30 11.92
CA GLY A 43 -51.99 10.61 12.57
C GLY A 43 -51.60 11.77 11.67
N HIS A 44 -50.58 11.60 10.85
CA HIS A 44 -50.02 12.74 10.09
C HIS A 44 -49.77 12.37 8.61
N GLU A 45 -50.81 11.83 8.02
CA GLU A 45 -50.77 11.32 6.65
C GLU A 45 -50.53 12.38 5.60
N THR A 46 -50.89 13.64 5.88
CA THR A 46 -50.77 14.71 4.86
C THR A 46 -49.54 15.60 5.07
N GLU A 47 -48.77 15.37 6.11
CA GLU A 47 -47.75 16.33 6.50
C GLU A 47 -46.32 16.00 6.11
N TYR A 48 -45.54 17.05 5.93
CA TYR A 48 -44.13 16.98 5.63
C TYR A 48 -43.32 17.57 6.78
N GLN A 49 -42.09 17.14 6.92
CA GLN A 49 -41.13 17.87 7.71
C GLN A 49 -40.91 19.32 7.24
N ASP A 50 -40.32 20.11 8.13
CA ASP A 50 -39.95 21.50 7.84
C ASP A 50 -38.53 21.41 7.24
N TYR A 51 -38.41 21.63 5.95
CA TYR A 51 -37.16 21.56 5.24
C TYR A 51 -36.40 22.89 5.28
N SER A 52 -36.92 23.89 5.96
CA SER A 52 -36.35 25.21 5.99
C SER A 52 -35.20 25.23 6.99
N PRO A 53 -34.41 26.31 7.03
CA PRO A 53 -33.37 26.39 8.06
C PRO A 53 -33.89 26.23 9.50
N ALA A 54 -35.05 26.82 9.81
CA ALA A 54 -35.62 26.69 11.14
C ALA A 54 -35.93 25.21 11.41
N GLY A 55 -36.39 24.49 10.39
CA GLY A 55 -36.58 23.05 10.52
C GLY A 55 -35.31 22.31 10.89
N ALA A 56 -34.23 22.63 10.19
CA ALA A 56 -32.95 22.01 10.45
C ALA A 56 -32.35 22.36 11.85
N ALA A 57 -32.52 23.61 12.29
CA ALA A 57 -32.09 24.02 13.63
C ALA A 57 -32.85 23.26 14.67
N ALA A 58 -34.14 23.04 14.44
CA ALA A 58 -34.96 22.32 15.43
C ALA A 58 -34.48 20.87 15.55
N HIS A 59 -34.21 20.25 14.40
CA HIS A 59 -33.72 18.87 14.39
C HIS A 59 -32.39 18.80 15.16
N ALA A 60 -31.48 19.71 14.82
CA ALA A 60 -30.16 19.74 15.45
C ALA A 60 -30.28 19.94 16.94
N GLU A 61 -31.22 20.77 17.37
CA GLU A 61 -31.35 21.04 18.81
C GLU A 61 -31.80 19.78 19.56
N ALA A 62 -32.79 19.11 18.99
CA ALA A 62 -33.27 17.86 19.53
C ALA A 62 -32.11 16.85 19.62
N THR A 63 -31.33 16.78 18.56
CA THR A 63 -30.12 15.94 18.55
C THR A 63 -29.11 16.32 19.66
N ARG A 64 -28.82 17.60 19.80
CA ARG A 64 -27.88 18.05 20.83
C ARG A 64 -28.44 17.72 22.24
N LEU A 65 -29.77 17.89 22.41
CA LEU A 65 -30.39 17.61 23.70
C LEU A 65 -30.36 16.10 24.01
N ALA A 66 -30.48 15.25 22.99
CA ALA A 66 -30.43 13.80 23.15
C ALA A 66 -29.04 13.35 23.58
N LEU A 67 -28.01 13.89 22.93
CA LEU A 67 -26.62 13.62 23.35
C LEU A 67 -26.33 14.07 24.78
N GLU A 68 -26.74 15.28 25.12
CA GLU A 68 -26.62 15.78 26.48
C GLU A 68 -27.26 14.82 27.50
N ALA A 69 -28.49 14.37 27.20
CA ALA A 69 -29.22 13.50 28.11
C ALA A 69 -28.44 12.21 28.31
N LEU A 70 -27.83 11.71 27.23
CA LEU A 70 -26.99 10.50 27.30
C LEU A 70 -25.64 10.68 28.01
N ALA A 71 -25.15 11.92 28.11
CA ALA A 71 -23.75 12.16 28.49
C ALA A 71 -23.36 11.58 29.85
N GLY A 72 -24.23 11.73 30.85
CA GLY A 72 -23.95 11.24 32.17
C GLY A 72 -24.58 9.90 32.54
N LEU A 73 -24.98 9.11 31.54
CA LEU A 73 -25.62 7.82 31.79
C LEU A 73 -24.66 6.65 31.54
N GLU A 74 -24.26 5.99 32.61
CA GLU A 74 -23.44 4.77 32.53
C GLU A 74 -24.28 3.62 31.97
N PRO A 75 -23.65 2.73 31.16
CA PRO A 75 -24.33 1.55 30.63
C PRO A 75 -24.65 0.58 31.77
N SER A 76 -25.83 -0.05 31.71
CA SER A 76 -26.24 -1.10 32.65
C SER A 76 -25.87 -2.49 32.14
N ASP A 77 -25.64 -2.61 30.85
CA ASP A 77 -25.18 -3.88 30.26
C ASP A 77 -24.54 -3.60 28.89
N ASP A 78 -24.04 -4.66 28.25
CA ASP A 78 -23.45 -4.59 26.90
CA ASP A 78 -23.42 -4.53 26.93
C ASP A 78 -24.37 -3.94 25.87
N VAL A 79 -25.68 -4.12 26.03
CA VAL A 79 -26.66 -3.60 25.03
C VAL A 79 -26.63 -2.07 25.11
N ASP A 80 -26.62 -1.54 26.34
CA ASP A 80 -26.55 -0.09 26.58
C ASP A 80 -25.25 0.52 25.97
N ALA A 81 -24.14 -0.19 26.10
CA ALA A 81 -22.85 0.25 25.63
C ALA A 81 -22.84 0.38 24.12
N VAL A 82 -23.46 -0.57 23.40
CA VAL A 82 -23.59 -0.47 21.98
C VAL A 82 -24.50 0.70 21.68
N THR A 83 -25.65 0.80 22.37
CA THR A 83 -26.54 1.93 22.11
C THR A 83 -25.83 3.29 22.27
N LEU A 84 -25.11 3.45 23.39
CA LEU A 84 -24.37 4.71 23.63
C LEU A 84 -23.42 5.02 22.53
N ASP A 85 -22.69 3.99 22.12
CA ASP A 85 -21.66 4.14 21.09
C ASP A 85 -22.32 4.49 19.72
N ALA A 86 -23.39 3.77 19.36
CA ALA A 86 -24.05 3.98 18.07
C ALA A 86 -24.69 5.36 17.98
N MSE A 87 -25.37 5.78 19.06
CA MSE A 87 -26.02 7.07 19.09
C MSE A 87 -24.98 8.20 19.10
O MSE A 87 -25.17 9.23 18.40
CB MSE A 87 -26.99 7.18 20.28
CG MSE A 87 -28.29 6.42 20.09
SE MSE A 87 -29.59 6.70 21.52
CE MSE A 87 -30.31 8.35 20.77
N ARG A 88 -23.88 8.01 19.84
CA ARG A 88 -22.87 9.05 19.92
C ARG A 88 -22.19 9.28 18.58
N GLU A 89 -21.90 8.18 17.90
CA GLU A 89 -21.44 8.18 16.52
C GLU A 89 -22.41 8.76 15.51
N ARG A 90 -23.62 8.25 15.42
CA ARG A 90 -24.59 8.74 14.44
C ARG A 90 -24.94 10.20 14.73
N LEU A 91 -25.30 10.52 15.98
CA LEU A 91 -25.79 11.90 16.34
C LEU A 91 -24.68 12.90 16.26
N GLY A 92 -23.51 12.50 16.72
CA GLY A 92 -22.35 13.39 16.68
C GLY A 92 -22.04 13.72 15.24
N LEU A 93 -22.13 12.72 14.38
CA LEU A 93 -21.83 12.96 12.94
C LEU A 93 -22.89 13.87 12.35
N GLU A 94 -24.13 13.67 12.74
CA GLU A 94 -25.20 14.51 12.23
C GLU A 94 -24.96 15.96 12.54
N LEU A 95 -24.54 16.28 13.77
CA LEU A 95 -24.22 17.65 14.16
C LEU A 95 -22.99 18.24 13.44
N GLU A 96 -21.96 17.44 13.22
CA GLU A 96 -20.82 17.90 12.39
C GLU A 96 -21.26 18.28 10.97
N ILE A 97 -22.12 17.50 10.35
CA ILE A 97 -22.61 17.82 9.03
C ILE A 97 -23.50 19.08 9.02
N HIS A 98 -24.40 19.22 10.01
CA HIS A 98 -25.26 20.40 10.11
C HIS A 98 -24.41 21.67 10.25
N GLN A 99 -23.45 21.59 11.14
CA GLN A 99 -22.56 22.70 11.43
C GLN A 99 -21.67 23.09 10.25
N SER A 100 -21.36 22.12 9.40
CA SER A 100 -20.58 22.38 8.20
C SER A 100 -21.33 23.29 7.19
N GLY A 101 -22.67 23.30 7.22
CA GLY A 101 -23.42 24.21 6.34
C GLY A 101 -23.87 23.51 5.02
N TRP A 102 -23.33 22.33 4.74
CA TRP A 102 -23.56 21.66 3.44
C TRP A 102 -24.88 20.91 3.39
N ASP A 103 -25.40 20.57 4.55
CA ASP A 103 -26.74 19.99 4.65
C ASP A 103 -27.82 20.88 3.98
N ALA A 104 -27.70 22.20 4.16
CA ALA A 104 -28.64 23.15 3.56
C ALA A 104 -28.58 23.13 2.03
N ALA A 105 -27.47 22.67 1.46
CA ALA A 105 -27.28 22.67 -0.01
C ALA A 105 -27.67 21.38 -0.65
N ASP A 106 -28.14 20.43 0.17
CA ASP A 106 -28.42 19.07 -0.29
C ASP A 106 -29.32 19.03 -1.52
N LEU A 107 -28.76 18.47 -2.59
CA LEU A 107 -29.40 18.33 -3.91
C LEU A 107 -28.56 17.38 -4.73
N ASN A 108 -29.17 16.30 -5.16
CA ASN A 108 -28.55 15.37 -6.02
C ASN A 108 -29.59 14.63 -6.87
N ASN A 109 -29.12 13.64 -7.65
CA ASN A 109 -30.02 12.98 -8.67
C ASN A 109 -30.86 11.83 -8.14
N ILE A 110 -30.71 11.53 -6.84
CA ILE A 110 -31.20 10.25 -6.31
C ILE A 110 -31.79 10.29 -4.92
N ALA A 111 -31.26 11.10 -4.01
CA ALA A 111 -31.69 11.03 -2.61
C ALA A 111 -31.55 12.36 -1.93
N SER A 112 -32.47 13.24 -2.28
CA SER A 112 -32.45 14.62 -1.79
C SER A 112 -33.93 15.11 -1.74
N PRO A 113 -34.18 16.27 -1.12
CA PRO A 113 -35.59 16.57 -0.89
C PRO A 113 -36.51 16.58 -2.14
N ALA A 114 -36.04 16.98 -3.30
CA ALA A 114 -36.92 17.07 -4.45
C ALA A 114 -37.43 15.67 -4.76
N GLN A 115 -36.56 14.65 -4.63
CA GLN A 115 -37.04 13.27 -4.92
C GLN A 115 -37.90 12.80 -3.78
N ASP A 116 -37.47 13.08 -2.55
CA ASP A 116 -38.18 12.56 -1.35
C ASP A 116 -39.64 13.10 -1.23
N ILE A 117 -39.85 14.36 -1.55
CA ILE A 117 -41.16 14.98 -1.43
C ILE A 117 -42.17 14.31 -2.35
N ARG A 118 -41.73 13.95 -3.56
CA ARG A 118 -42.57 13.18 -4.51
C ARG A 118 -42.71 11.70 -4.15
N ALA A 119 -41.63 11.08 -3.67
CA ALA A 119 -41.62 9.64 -3.48
C ALA A 119 -42.62 9.14 -2.43
N ILE A 120 -42.86 9.93 -1.38
CA ILE A 120 -43.75 9.56 -0.31
C ILE A 120 -45.19 9.21 -0.78
N PHE A 121 -45.60 9.76 -1.92
CA PHE A 121 -46.91 9.47 -2.48
C PHE A 121 -47.08 8.02 -2.85
N ASP A 122 -45.98 7.36 -3.19
CA ASP A 122 -46.04 5.98 -3.65
C ASP A 122 -46.39 5.03 -2.51
N LEU A 123 -46.25 5.45 -1.26
CA LEU A 123 -46.61 4.65 -0.11
C LEU A 123 -48.10 4.77 0.28
N MSE A 124 -48.81 5.74 -0.25
CA MSE A 124 -50.13 6.06 0.26
C MSE A 124 -51.20 5.18 -0.38
O MSE A 124 -51.24 4.99 -1.59
CB MSE A 124 -50.40 7.54 0.02
CG MSE A 124 -49.27 8.43 0.55
SE MSE A 124 -49.80 10.22 0.46
CE MSE A 124 -51.30 10.29 1.76
N PRO A 125 -52.11 4.65 0.42
CA PRO A 125 -53.16 3.76 -0.10
C PRO A 125 -54.30 4.54 -0.83
N THR A 126 -55.15 3.84 -1.59
CA THR A 126 -56.12 4.48 -2.46
C THR A 126 -57.47 3.78 -2.47
N ASP A 127 -57.87 3.28 -1.29
CA ASP A 127 -59.03 2.40 -1.13
C ASP A 127 -60.31 3.04 -0.62
N THR A 128 -60.21 4.23 -0.04
CA THR A 128 -61.36 4.93 0.51
C THR A 128 -61.32 6.40 0.16
N VAL A 129 -62.44 7.06 0.38
CA VAL A 129 -62.51 8.50 0.20
C VAL A 129 -61.46 9.15 1.07
N GLU A 130 -61.38 8.76 2.35
CA GLU A 130 -60.39 9.36 3.27
C GLU A 130 -58.94 9.21 2.78
N HIS A 131 -58.61 8.05 2.22
CA HIS A 131 -57.32 7.88 1.58
C HIS A 131 -57.05 8.93 0.52
N TRP A 132 -58.03 9.20 -0.31
CA TRP A 132 -57.87 10.17 -1.39
C TRP A 132 -57.83 11.60 -0.82
N GLU A 133 -58.52 11.86 0.30
CA GLU A 133 -58.39 13.12 1.02
C GLU A 133 -56.98 13.34 1.55
N HIS A 134 -56.41 12.28 2.08
CA HIS A 134 -55.00 12.30 2.48
C HIS A 134 -54.04 12.59 1.34
N ILE A 135 -54.20 11.91 0.21
CA ILE A 135 -53.36 12.21 -0.95
C ILE A 135 -53.54 13.68 -1.39
N ALA A 136 -54.79 14.13 -1.43
CA ALA A 136 -55.06 15.50 -1.86
C ALA A 136 -54.45 16.47 -0.86
N GLY A 137 -54.61 16.17 0.41
CA GLY A 137 -54.07 17.01 1.48
C GLY A 137 -52.54 17.06 1.52
N ARG A 138 -51.89 15.93 1.28
CA ARG A 138 -50.46 15.94 1.09
C ARG A 138 -50.02 16.77 -0.14
N ALA A 139 -50.67 16.59 -1.27
CA ALA A 139 -50.37 17.38 -2.48
C ALA A 139 -50.46 18.84 -2.14
N ALA A 140 -51.52 19.23 -1.44
CA ALA A 140 -51.70 20.61 -1.02
C ALA A 140 -50.60 21.11 -0.03
N ASN A 141 -49.86 20.19 0.59
CA ASN A 141 -48.72 20.57 1.46
C ASN A 141 -47.37 20.52 0.73
N VAL A 142 -47.33 20.04 -0.50
CA VAL A 142 -46.09 20.10 -1.29
C VAL A 142 -45.53 21.52 -1.41
N PRO A 143 -46.37 22.53 -1.59
CA PRO A 143 -45.78 23.86 -1.67
C PRO A 143 -45.02 24.26 -0.44
N GLY A 144 -45.54 23.99 0.76
CA GLY A 144 -44.79 24.45 1.93
C GLY A 144 -43.49 23.68 2.09
N ALA A 145 -43.50 22.44 1.64
CA ALA A 145 -42.28 21.59 1.75
C ALA A 145 -41.22 22.16 0.82
N ILE A 146 -41.63 22.42 -0.41
CA ILE A 146 -40.76 22.99 -1.41
C ILE A 146 -40.28 24.38 -1.01
N GLU A 147 -41.17 25.21 -0.46
CA GLU A 147 -40.76 26.57 -0.01
C GLU A 147 -39.65 26.50 1.04
N GLY A 148 -39.76 25.58 1.99
CA GLY A 148 -38.75 25.43 3.04
C GLY A 148 -37.46 24.94 2.47
N TYR A 149 -37.54 24.03 1.52
CA TYR A 149 -36.37 23.51 0.84
C TYR A 149 -35.60 24.61 0.07
N ILE A 150 -36.34 25.41 -0.69
CA ILE A 150 -35.78 26.52 -1.45
C ILE A 150 -35.14 27.51 -0.43
N ALA A 151 -35.79 27.71 0.70
CA ALA A 151 -35.25 28.60 1.75
C ALA A 151 -33.90 28.07 2.24
N SER A 152 -33.78 26.75 2.42
CA SER A 152 -32.43 26.20 2.83
C SER A 152 -31.39 26.30 1.69
N LEU A 153 -31.80 25.99 0.46
CA LEU A 153 -30.87 26.14 -0.70
C LEU A 153 -30.47 27.54 -0.88
N ARG A 154 -31.38 28.48 -0.65
CA ARG A 154 -31.06 29.88 -0.80
C ARG A 154 -30.11 30.35 0.29
N ALA A 155 -30.31 29.90 1.53
CA ALA A 155 -29.39 30.27 2.63
C ALA A 155 -27.96 29.72 2.42
N ALA A 156 -27.87 28.51 1.89
CA ALA A 156 -26.61 27.88 1.62
C ALA A 156 -25.91 28.66 0.51
N LYS A 157 -26.69 29.04 -0.50
CA LYS A 157 -26.19 29.87 -1.61
C LYS A 157 -25.61 31.17 -1.11
N ASP A 158 -26.31 31.85 -0.18
CA ASP A 158 -25.78 33.08 0.39
C ASP A 158 -24.54 32.80 1.22
N ASP A 159 -24.39 31.55 1.65
CA ASP A 159 -23.20 31.14 2.36
C ASP A 159 -22.18 30.47 1.45
N ARG A 160 -22.35 30.66 0.14
CA ARG A 160 -21.41 30.19 -0.92
C ARG A 160 -21.28 28.66 -1.02
N LYS A 161 -22.37 27.97 -0.75
CA LYS A 161 -22.38 26.52 -0.76
C LYS A 161 -23.52 26.12 -1.67
N VAL A 162 -23.14 25.64 -2.86
CA VAL A 162 -24.11 25.31 -3.89
C VAL A 162 -23.66 23.98 -4.51
N ALA A 163 -24.61 23.09 -4.75
CA ALA A 163 -24.39 21.86 -5.49
C ALA A 163 -23.77 22.08 -6.86
N ALA A 164 -23.07 21.06 -7.39
CA ALA A 164 -22.49 21.16 -8.72
C ALA A 164 -23.56 21.50 -9.74
N ALA A 165 -23.22 22.30 -10.76
CA ALA A 165 -24.11 22.58 -11.90
C ALA A 165 -24.80 21.34 -12.50
N ARG A 166 -24.03 20.26 -12.68
CA ARG A 166 -24.55 19.02 -13.22
C ARG A 166 -25.78 18.52 -12.47
N GLN A 167 -25.74 18.57 -11.13
CA GLN A 167 -26.77 18.04 -10.29
C GLN A 167 -27.99 18.97 -10.33
N ILE A 168 -27.76 20.25 -10.39
CA ILE A 168 -28.83 21.21 -10.47
C ILE A 168 -29.60 21.00 -11.79
N ARG A 169 -28.86 20.82 -12.88
CA ARG A 169 -29.46 20.61 -14.19
C ARG A 169 -30.31 19.35 -14.19
N ILE A 170 -29.79 18.29 -13.57
CA ILE A 170 -30.53 17.03 -13.48
C ILE A 170 -31.84 17.24 -12.66
N VAL A 171 -31.77 17.92 -11.54
CA VAL A 171 -32.97 18.11 -10.73
C VAL A 171 -34.00 19.03 -11.45
N ILE A 172 -33.54 20.06 -12.18
CA ILE A 172 -34.44 20.85 -13.03
C ILE A 172 -35.14 19.89 -14.01
N GLU A 173 -34.40 18.99 -14.63
CA GLU A 173 -35.04 18.04 -15.58
C GLU A 173 -36.07 17.14 -14.90
N GLN A 174 -35.68 16.55 -13.78
CA GLN A 174 -36.55 15.59 -13.09
C GLN A 174 -37.82 16.26 -12.60
N THR A 175 -37.68 17.44 -11.97
CA THR A 175 -38.81 18.12 -11.43
C THR A 175 -39.75 18.71 -12.51
N GLY A 176 -39.21 19.01 -13.69
CA GLY A 176 -40.02 19.52 -14.75
C GLY A 176 -40.94 18.40 -15.25
N ARG A 177 -40.47 17.15 -15.23
CA ARG A 177 -41.37 16.02 -15.59
C ARG A 177 -42.46 15.93 -14.48
N TYR A 178 -42.07 16.00 -13.21
CA TYR A 178 -43.09 15.86 -12.14
C TYR A 178 -44.24 16.85 -12.35
N ALA A 179 -43.88 18.08 -12.76
CA ALA A 179 -44.84 19.18 -12.93
C ALA A 179 -45.54 19.28 -14.29
N ALA A 180 -45.12 18.47 -15.26
CA ALA A 180 -45.59 18.63 -16.64
C ALA A 180 -47.06 18.24 -16.80
N GLU A 181 -47.61 18.59 -17.95
CA GLU A 181 -49.03 18.41 -18.29
C GLU A 181 -49.40 16.95 -18.12
N ASP A 182 -48.47 16.08 -18.43
CA ASP A 182 -48.64 14.64 -18.40
C ASP A 182 -47.75 13.95 -17.36
N GLY A 183 -47.26 14.71 -16.38
CA GLY A 183 -46.34 14.15 -15.41
C GLY A 183 -47.05 13.56 -14.18
N PHE A 184 -46.24 13.30 -13.14
CA PHE A 184 -46.70 12.51 -12.00
C PHE A 184 -47.98 13.09 -11.37
N PHE A 185 -47.95 14.36 -11.02
CA PHE A 185 -49.09 14.94 -10.29
C PHE A 185 -50.33 15.08 -11.15
N ALA A 186 -50.16 15.46 -12.41
CA ALA A 186 -51.27 15.52 -13.35
C ALA A 186 -51.91 14.15 -13.56
N LYS A 187 -51.10 13.11 -13.70
CA LYS A 187 -51.64 11.80 -13.96
C LYS A 187 -52.32 11.31 -12.70
N MSE A 188 -51.77 11.64 -11.54
CA MSE A 188 -52.38 11.24 -10.27
C MSE A 188 -53.87 11.65 -10.20
O MSE A 188 -54.71 10.86 -9.78
CB MSE A 188 -51.63 11.86 -9.10
CG MSE A 188 -52.43 11.98 -7.78
SE MSE A 188 -51.20 12.57 -6.35
CE MSE A 188 -50.46 10.83 -6.25
N ALA A 189 -54.14 12.90 -10.54
CA ALA A 189 -55.48 13.48 -10.49
C ALA A 189 -56.35 12.95 -11.61
N ALA A 190 -55.75 12.83 -12.81
CA ALA A 190 -56.46 12.42 -13.97
C ALA A 190 -56.88 10.94 -13.90
N ASP A 191 -56.06 10.07 -13.29
CA ASP A 191 -56.24 8.60 -13.31
C ASP A 191 -56.81 8.03 -12.00
N ALA A 192 -57.06 8.91 -11.04
CA ALA A 192 -57.52 8.50 -9.73
C ALA A 192 -58.79 7.70 -9.84
N SER A 193 -58.83 6.59 -9.13
CA SER A 193 -60.07 5.84 -9.03
C SER A 193 -60.24 5.25 -7.67
N LEU A 194 -61.49 4.88 -7.41
CA LEU A 194 -61.87 4.19 -6.22
C LEU A 194 -62.79 3.07 -6.64
N GLY A 195 -62.41 1.82 -6.41
CA GLY A 195 -63.22 0.70 -6.92
C GLY A 195 -63.40 0.71 -8.45
N ASP A 196 -62.33 1.05 -9.16
CA ASP A 196 -62.38 1.08 -10.63
C ASP A 196 -63.45 2.05 -11.24
N ALA A 197 -63.78 3.08 -10.48
CA ALA A 197 -64.71 4.09 -10.87
C ALA A 197 -64.16 5.46 -10.46
N PRO A 198 -64.63 6.51 -11.11
CA PRO A 198 -64.11 7.83 -10.77
C PRO A 198 -64.40 8.24 -9.33
N LEU A 199 -63.54 9.11 -8.78
CA LEU A 199 -63.69 9.55 -7.39
C LEU A 199 -64.99 10.36 -7.31
N PRO A 200 -65.61 10.41 -6.14
CA PRO A 200 -66.73 11.34 -6.01
C PRO A 200 -66.25 12.76 -6.33
N ALA A 201 -67.15 13.57 -6.83
CA ALA A 201 -66.74 14.90 -7.30
C ALA A 201 -66.10 15.77 -6.21
N GLU A 202 -66.58 15.70 -4.97
CA GLU A 202 -66.03 16.59 -3.93
C GLU A 202 -64.58 16.30 -3.62
N VAL A 203 -64.23 15.02 -3.52
CA VAL A 203 -62.84 14.65 -3.26
C VAL A 203 -61.95 14.83 -4.49
N GLN A 204 -62.48 14.50 -5.67
CA GLN A 204 -61.79 14.81 -6.93
C GLN A 204 -61.41 16.28 -7.00
N ASP A 205 -62.31 17.17 -6.59
CA ASP A 205 -61.98 18.59 -6.65
C ASP A 205 -60.86 18.90 -5.67
N LYS A 206 -60.89 18.28 -4.49
CA LYS A 206 -59.75 18.47 -3.55
C LYS A 206 -58.41 17.98 -4.17
N LEU A 207 -58.47 16.84 -4.82
CA LEU A 207 -57.29 16.27 -5.49
C LEU A 207 -56.76 17.17 -6.62
N ASP A 208 -57.66 17.64 -7.48
CA ASP A 208 -57.28 18.55 -8.56
C ASP A 208 -56.62 19.81 -7.97
N ALA A 209 -57.18 20.37 -6.91
CA ALA A 209 -56.60 21.60 -6.31
C ALA A 209 -55.21 21.31 -5.72
N GLY A 210 -55.11 20.19 -5.02
CA GLY A 210 -53.85 19.83 -4.35
C GLY A 210 -52.78 19.48 -5.38
N THR A 211 -53.13 18.67 -6.38
CA THR A 211 -52.14 18.27 -7.39
C THR A 211 -51.72 19.50 -8.17
N SER A 212 -52.64 20.45 -8.36
CA SER A 212 -52.35 21.68 -9.10
C SER A 212 -51.34 22.54 -8.37
N ALA A 213 -51.49 22.63 -7.06
CA ALA A 213 -50.54 23.31 -6.18
C ALA A 213 -49.19 22.61 -6.18
N ALA A 214 -49.17 21.27 -6.10
CA ALA A 214 -47.91 20.52 -6.19
C ALA A 214 -47.15 20.79 -7.52
N ARG A 215 -47.88 20.79 -8.63
CA ARG A 215 -47.29 21.12 -9.94
C ARG A 215 -46.66 22.51 -9.91
N SER A 216 -47.42 23.49 -9.46
CA SER A 216 -46.89 24.87 -9.38
C SER A 216 -45.65 24.92 -8.48
N ALA A 217 -45.64 24.21 -7.35
CA ALA A 217 -44.47 24.26 -6.49
C ALA A 217 -43.22 23.64 -7.13
N TYR A 218 -43.36 22.51 -7.81
CA TYR A 218 -42.21 21.94 -8.49
C TYR A 218 -41.73 22.81 -9.67
N SER A 219 -42.67 23.47 -10.36
CA SER A 219 -42.28 24.44 -11.38
C SER A 219 -41.50 25.62 -10.76
N ALA A 220 -41.92 26.10 -9.60
CA ALA A 220 -41.20 27.17 -8.87
C ALA A 220 -39.81 26.72 -8.46
N LEU A 221 -39.67 25.47 -8.01
CA LEU A 221 -38.33 24.98 -7.64
C LEU A 221 -37.46 25.00 -8.89
N GLY A 222 -38.01 24.46 -9.98
CA GLY A 222 -37.38 24.59 -11.32
C GLY A 222 -36.90 26.00 -11.66
N ALA A 223 -37.76 27.02 -11.46
CA ALA A 223 -37.43 28.43 -11.78
C ALA A 223 -36.32 28.89 -10.89
N PHE A 224 -36.42 28.54 -9.60
CA PHE A 224 -35.41 28.97 -8.62
C PHE A 224 -34.06 28.36 -8.96
N LEU A 225 -34.09 27.06 -9.23
CA LEU A 225 -32.87 26.37 -9.57
C LEU A 225 -32.24 26.99 -10.81
N ARG A 226 -33.05 27.17 -11.84
CA ARG A 226 -32.58 27.77 -13.06
C ARG A 226 -32.03 29.20 -12.88
N ASP A 227 -32.81 30.04 -12.21
CA ASP A 227 -32.51 31.45 -12.18
C ASP A 227 -31.57 31.88 -11.05
N GLU A 228 -31.63 31.25 -9.87
CA GLU A 228 -30.88 31.72 -8.71
C GLU A 228 -29.67 30.83 -8.39
N LEU A 229 -29.82 29.52 -8.54
CA LEU A 229 -28.77 28.63 -8.13
C LEU A 229 -27.78 28.32 -9.26
N LEU A 230 -28.28 27.86 -10.40
CA LEU A 230 -27.46 27.44 -11.51
C LEU A 230 -26.41 28.50 -11.87
N PRO A 231 -26.77 29.80 -11.92
CA PRO A 231 -25.74 30.76 -12.34
C PRO A 231 -24.53 30.90 -11.40
N VAL A 232 -24.66 30.47 -10.15
CA VAL A 232 -23.54 30.50 -9.19
C VAL A 232 -23.03 29.09 -8.79
N ALA A 233 -23.53 28.06 -9.44
CA ALA A 233 -23.20 26.71 -9.11
C ALA A 233 -21.77 26.48 -9.57
N PRO A 234 -20.95 25.76 -8.80
CA PRO A 234 -19.65 25.37 -9.38
C PRO A 234 -19.77 24.40 -10.55
N GLU A 235 -18.89 24.54 -11.55
CA GLU A 235 -18.80 23.52 -12.64
C GLU A 235 -18.16 22.22 -12.13
N LYS A 236 -17.18 22.36 -11.25
CA LYS A 236 -16.41 21.25 -10.71
C LYS A 236 -17.32 20.35 -9.89
N ASP A 237 -17.34 19.08 -10.21
CA ASP A 237 -18.15 18.12 -9.47
C ASP A 237 -17.51 17.68 -8.14
N ALA A 238 -16.17 17.52 -8.14
CA ALA A 238 -15.49 17.00 -6.98
C ALA A 238 -15.81 17.82 -5.76
N VAL A 239 -16.14 17.16 -4.66
CA VAL A 239 -16.50 17.87 -3.45
C VAL A 239 -15.32 18.14 -2.51
N GLY A 240 -14.22 17.44 -2.67
CA GLY A 240 -13.05 17.72 -1.86
C GLY A 240 -13.00 16.91 -0.57
N ARG A 241 -11.80 16.88 0.02
CA ARG A 241 -11.51 16.02 1.15
C ARG A 241 -12.41 16.23 2.39
N GLU A 242 -12.64 17.45 2.77
CA GLU A 242 -13.32 17.74 4.03
CA GLU A 242 -13.37 17.78 4.02
C GLU A 242 -14.82 17.31 3.93
N ARG A 243 -15.52 17.74 2.89
CA ARG A 243 -16.89 17.25 2.66
C ARG A 243 -16.95 15.76 2.48
N TYR A 244 -15.95 15.22 1.75
CA TYR A 244 -15.96 13.81 1.42
C TYR A 244 -15.89 12.97 2.70
N SER A 245 -14.96 13.30 3.58
CA SER A 245 -14.80 12.52 4.77
C SER A 245 -16.09 12.47 5.63
N LEU A 246 -16.83 13.59 5.73
CA LEU A 246 -18.07 13.56 6.49
C LEU A 246 -19.10 12.72 5.77
N ALA A 247 -19.26 12.85 4.44
CA ALA A 247 -20.25 11.99 3.71
C ALA A 247 -19.90 10.51 3.81
N SER A 248 -18.63 10.20 3.62
CA SER A 248 -18.12 8.84 3.76
C SER A 248 -18.49 8.25 5.13
N ARG A 249 -18.28 9.03 6.17
CA ARG A 249 -18.70 8.57 7.50
C ARG A 249 -20.20 8.30 7.58
N SER A 250 -21.01 9.11 6.90
CA SER A 250 -22.45 8.94 6.96
CA SER A 250 -22.45 8.96 6.95
C SER A 250 -22.83 7.58 6.39
N PHE A 251 -22.14 7.14 5.34
CA PHE A 251 -22.44 5.83 4.71
C PHE A 251 -21.74 4.60 5.30
N ILE A 252 -20.67 4.78 6.06
CA ILE A 252 -19.88 3.63 6.48
C ILE A 252 -19.87 3.50 8.02
N GLY A 253 -20.05 4.62 8.70
CA GLY A 253 -19.81 4.66 10.16
C GLY A 253 -18.42 4.37 10.63
N ALA A 254 -17.44 4.72 9.80
CA ALA A 254 -16.02 4.64 10.08
C ALA A 254 -15.37 5.83 9.31
N GLU A 255 -14.33 6.43 9.89
CA GLU A 255 -13.56 7.48 9.26
C GLU A 255 -12.29 6.85 8.64
N VAL A 256 -12.40 6.37 7.40
CA VAL A 256 -11.29 5.59 6.83
C VAL A 256 -10.18 6.54 6.36
N ASP A 257 -9.00 5.98 6.13
CA ASP A 257 -7.89 6.71 5.60
C ASP A 257 -8.17 6.72 4.12
N LEU A 258 -8.43 7.89 3.57
CA LEU A 258 -8.92 7.97 2.19
C LEU A 258 -7.87 7.57 1.15
N GLU A 259 -6.63 8.02 1.31
CA GLU A 259 -5.54 7.62 0.38
C GLU A 259 -5.24 6.12 0.48
N GLU A 260 -5.22 5.60 1.71
CA GLU A 260 -5.01 4.18 1.92
C GLU A 260 -6.12 3.36 1.37
N THR A 261 -7.37 3.78 1.59
CA THR A 261 -8.53 3.07 1.02
C THR A 261 -8.54 3.10 -0.52
N TYR A 262 -8.25 4.26 -1.10
CA TYR A 262 -8.11 4.36 -2.53
C TYR A 262 -7.06 3.38 -3.06
N ALA A 263 -5.86 3.40 -2.47
CA ALA A 263 -4.80 2.46 -2.90
C ALA A 263 -5.26 1.01 -2.78
N TRP A 264 -5.90 0.66 -1.68
CA TRP A 264 -6.48 -0.72 -1.51
C TRP A 264 -7.46 -1.02 -2.63
N GLY A 265 -8.32 -0.06 -2.97
CA GLY A 265 -9.36 -0.30 -3.97
C GLY A 265 -8.76 -0.54 -5.36
N VAL A 266 -7.72 0.19 -5.70
CA VAL A 266 -7.04 0.02 -7.01
C VAL A 266 -6.44 -1.38 -7.09
N GLN A 267 -5.81 -1.81 -6.02
CA GLN A 267 -5.20 -3.12 -5.98
C GLN A 267 -6.24 -4.22 -6.02
N GLU A 268 -7.33 -4.01 -5.28
CA GLU A 268 -8.45 -4.96 -5.24
C GLU A 268 -9.15 -5.08 -6.59
N LEU A 269 -9.34 -3.97 -7.30
CA LEU A 269 -9.88 -4.02 -8.68
C LEU A 269 -8.94 -4.86 -9.59
N GLU A 270 -7.63 -4.61 -9.53
CA GLU A 270 -6.65 -5.37 -10.31
C GLU A 270 -6.74 -6.86 -9.97
N ARG A 271 -6.93 -7.22 -8.71
CA ARG A 271 -7.02 -8.64 -8.32
C ARG A 271 -8.26 -9.25 -8.93
N LEU A 272 -9.38 -8.55 -8.83
CA LEU A 272 -10.63 -9.11 -9.34
C LEU A 272 -10.59 -9.28 -10.85
N ILE A 273 -9.94 -8.38 -11.54
CA ILE A 273 -9.76 -8.57 -13.03
C ILE A 273 -8.91 -9.82 -13.33
N SER A 274 -7.86 -9.99 -12.56
CA SER A 274 -7.00 -11.17 -12.71
CA SER A 274 -6.99 -11.18 -12.69
C SER A 274 -7.79 -12.45 -12.47
N GLU A 275 -8.65 -12.43 -11.45
CA GLU A 275 -9.53 -13.55 -11.20
C GLU A 275 -10.46 -13.77 -12.34
N GLN A 276 -11.06 -12.69 -12.87
CA GLN A 276 -11.94 -12.89 -14.02
C GLN A 276 -11.22 -13.53 -15.24
N GLU A 277 -9.98 -13.12 -15.47
CA GLU A 277 -9.21 -13.74 -16.54
C GLU A 277 -9.02 -15.24 -16.31
N LYS A 278 -8.80 -15.65 -15.08
CA LYS A 278 -8.69 -17.10 -14.76
C LYS A 278 -9.99 -17.80 -15.01
N VAL A 279 -11.09 -17.20 -14.57
CA VAL A 279 -12.40 -17.84 -14.79
C VAL A 279 -12.72 -17.93 -16.28
N ALA A 280 -12.36 -16.91 -17.04
CA ALA A 280 -12.58 -16.96 -18.51
C ALA A 280 -11.94 -18.22 -19.14
N GLY A 281 -10.77 -18.59 -18.67
CA GLY A 281 -10.08 -19.74 -19.18
C GLY A 281 -10.67 -21.02 -18.70
N GLN A 282 -11.38 -20.98 -17.61
CA GLN A 282 -12.18 -22.16 -17.21
C GLN A 282 -13.43 -22.36 -18.05
N ILE A 283 -13.98 -21.30 -18.63
CA ILE A 283 -15.12 -21.40 -19.58
C ILE A 283 -14.63 -21.86 -20.94
N LYS A 284 -13.51 -21.32 -21.39
CA LYS A 284 -12.90 -21.73 -22.66
C LYS A 284 -11.41 -21.43 -22.60
N PRO A 285 -10.55 -22.46 -22.77
CA PRO A 285 -9.10 -22.29 -22.66
C PRO A 285 -8.62 -21.11 -23.45
N GLY A 286 -7.89 -20.23 -22.79
CA GLY A 286 -7.30 -19.03 -23.39
C GLY A 286 -8.26 -17.87 -23.77
N ALA A 287 -9.54 -18.04 -23.50
CA ALA A 287 -10.55 -17.01 -23.78
C ALA A 287 -10.33 -15.71 -22.99
N SER A 288 -10.60 -14.57 -23.64
CA SER A 288 -10.65 -13.28 -22.97
C SER A 288 -11.93 -13.24 -22.12
N ILE A 289 -12.00 -12.33 -21.16
CA ILE A 289 -13.23 -12.19 -20.35
C ILE A 289 -14.48 -12.01 -21.26
N GLU A 290 -14.38 -11.15 -22.27
CA GLU A 290 -15.50 -10.84 -23.16
C GLU A 290 -15.91 -12.08 -23.98
N GLU A 291 -14.91 -12.81 -24.44
CA GLU A 291 -15.16 -14.04 -25.17
C GLU A 291 -15.87 -15.05 -24.28
N ALA A 292 -15.40 -15.25 -23.05
CA ALA A 292 -16.10 -16.15 -22.12
C ALA A 292 -17.53 -15.71 -21.85
N LYS A 293 -17.77 -14.41 -21.78
CA LYS A 293 -19.11 -13.89 -21.48
C LYS A 293 -20.08 -14.15 -22.65
N SER A 294 -19.61 -14.09 -23.90
CA SER A 294 -20.49 -14.43 -25.01
C SER A 294 -20.93 -15.88 -24.96
N ILE A 295 -20.00 -16.78 -24.64
CA ILE A 295 -20.30 -18.18 -24.47
C ILE A 295 -21.38 -18.40 -23.37
N LEU A 296 -21.21 -17.78 -22.21
CA LEU A 296 -22.17 -17.91 -21.07
C LEU A 296 -23.55 -17.39 -21.46
N ASN A 297 -23.55 -16.24 -22.11
CA ASN A 297 -24.75 -15.54 -22.50
C ASN A 297 -25.43 -16.15 -23.71
N ASN A 298 -24.77 -17.07 -24.40
CA ASN A 298 -25.35 -17.73 -25.57
C ASN A 298 -25.53 -19.23 -25.39
N ASP A 299 -25.27 -19.73 -24.18
CA ASP A 299 -25.42 -21.14 -23.88
C ASP A 299 -26.82 -21.48 -23.41
N PRO A 300 -27.56 -22.27 -24.20
CA PRO A 300 -28.97 -22.62 -23.92
C PRO A 300 -29.21 -23.12 -22.50
N ALA A 301 -28.21 -23.80 -21.94
CA ALA A 301 -28.25 -24.32 -20.56
C ALA A 301 -28.22 -23.27 -19.47
N ARG A 302 -27.77 -22.07 -19.76
CA ARG A 302 -27.73 -21.03 -18.73
C ARG A 302 -28.89 -20.04 -18.83
N GLN A 303 -29.95 -20.48 -19.48
CA GLN A 303 -31.12 -19.68 -19.73
C GLN A 303 -32.32 -20.45 -19.24
N ILE A 304 -33.26 -19.77 -18.63
CA ILE A 304 -34.48 -20.40 -18.14
C ILE A 304 -35.62 -19.71 -18.81
N LYS A 305 -36.64 -20.49 -19.17
CA LYS A 305 -37.82 -19.98 -19.86
C LYS A 305 -39.02 -19.86 -18.91
N GLY A 306 -39.57 -18.66 -18.75
CA GLY A 306 -40.77 -18.45 -17.95
C GLY A 306 -40.50 -18.20 -16.45
N THR A 307 -41.43 -17.46 -15.83
CA THR A 307 -41.25 -17.06 -14.42
C THR A 307 -41.44 -18.22 -13.43
N ASP A 308 -42.23 -19.23 -13.78
CA ASP A 308 -42.39 -20.37 -12.87
C ASP A 308 -41.06 -21.10 -12.66
N ALA A 309 -40.39 -21.42 -13.77
CA ALA A 309 -39.07 -22.03 -13.76
C ALA A 309 -38.04 -21.15 -13.10
N LEU A 310 -38.14 -19.83 -13.34
CA LEU A 310 -37.27 -18.85 -12.67
C LEU A 310 -37.46 -18.82 -11.14
N LYS A 311 -38.69 -18.72 -10.68
CA LYS A 311 -38.99 -18.86 -9.27
C LYS A 311 -38.46 -20.17 -8.71
N ALA A 312 -38.62 -21.26 -9.48
CA ALA A 312 -38.18 -22.56 -8.97
C ALA A 312 -36.68 -22.57 -8.79
N TRP A 313 -35.97 -21.94 -9.73
CA TRP A 313 -34.53 -21.85 -9.67
C TRP A 313 -34.09 -21.02 -8.45
N MSE A 314 -34.67 -19.85 -8.25
CA MSE A 314 -34.30 -19.04 -7.12
C MSE A 314 -34.57 -19.80 -5.84
O MSE A 314 -33.77 -19.77 -4.90
CB MSE A 314 -35.06 -17.72 -7.03
CG MSE A 314 -34.64 -16.65 -8.04
SE MSE A 314 -35.73 -15.03 -7.59
CE MSE A 314 -37.15 -15.60 -8.49
N GLN A 315 -35.72 -20.44 -5.77
CA GLN A 315 -36.17 -21.09 -4.56
C GLN A 315 -35.26 -22.21 -4.11
N GLU A 316 -34.79 -22.98 -5.08
CA GLU A 316 -33.95 -24.12 -4.83
C GLU A 316 -32.65 -23.59 -4.33
N LEU A 317 -32.12 -22.54 -4.95
CA LEU A 317 -30.85 -21.99 -4.45
C LEU A 317 -30.98 -21.53 -3.02
N SER A 318 -32.07 -20.83 -2.75
CA SER A 318 -32.32 -20.29 -1.42
C SER A 318 -32.50 -21.40 -0.40
N ASP A 319 -33.31 -22.41 -0.72
CA ASP A 319 -33.63 -23.46 0.22
C ASP A 319 -32.36 -24.27 0.49
N ARG A 320 -31.51 -24.42 -0.52
CA ARG A 320 -30.29 -25.17 -0.35
C ARG A 320 -29.29 -24.45 0.51
N ALA A 321 -29.14 -23.14 0.31
CA ALA A 321 -28.29 -22.34 1.13
C ALA A 321 -28.76 -22.45 2.60
N VAL A 322 -30.07 -22.29 2.84
CA VAL A 322 -30.58 -22.40 4.22
C VAL A 322 -30.24 -23.77 4.82
N SER A 323 -30.55 -24.83 4.08
CA SER A 323 -30.47 -26.11 4.69
C SER A 323 -29.02 -26.51 4.90
N GLU A 324 -28.13 -26.03 4.02
CA GLU A 324 -26.68 -26.35 4.19
C GLU A 324 -25.98 -25.48 5.25
N LEU A 325 -26.38 -24.23 5.42
CA LEU A 325 -25.75 -23.34 6.34
C LEU A 325 -26.28 -23.40 7.77
N ALA A 326 -27.57 -23.69 7.94
CA ALA A 326 -28.22 -23.81 9.26
C ALA A 326 -27.49 -24.73 10.25
N ASP A 327 -27.20 -24.17 11.41
CA ASP A 327 -26.45 -24.85 12.46
C ASP A 327 -25.06 -25.33 12.05
N VAL A 328 -24.50 -24.77 10.98
CA VAL A 328 -23.10 -25.03 10.63
C VAL A 328 -22.38 -23.68 10.68
N HIS A 329 -22.83 -22.75 9.85
CA HIS A 329 -22.26 -21.40 9.79
C HIS A 329 -23.13 -20.34 10.38
N PHE A 330 -24.44 -20.60 10.48
CA PHE A 330 -25.39 -19.64 11.04
C PHE A 330 -26.44 -20.35 11.87
N ASP A 331 -26.96 -19.63 12.84
CA ASP A 331 -28.17 -19.98 13.58
C ASP A 331 -29.35 -19.42 12.83
N ILE A 332 -30.18 -20.30 12.27
CA ILE A 332 -31.35 -19.89 11.51
C ILE A 332 -32.61 -20.50 12.15
N PRO A 333 -33.30 -19.74 12.99
CA PRO A 333 -34.52 -20.23 13.65
C PRO A 333 -35.49 -20.69 12.58
N ASP A 334 -36.35 -21.61 12.94
CA ASP A 334 -37.31 -22.14 11.99
C ASP A 334 -38.10 -21.10 11.17
N VAL A 335 -38.56 -20.02 11.80
CA VAL A 335 -39.36 -19.04 11.06
C VAL A 335 -38.50 -18.25 10.05
N MSE A 336 -37.19 -18.25 10.25
CA MSE A 336 -36.29 -17.58 9.34
C MSE A 336 -35.84 -18.49 8.19
O MSE A 336 -35.31 -18.01 7.20
CB MSE A 336 -35.07 -17.10 10.11
CG MSE A 336 -34.10 -16.32 9.35
SE MSE A 336 -32.63 -15.66 10.47
CE MSE A 336 -33.64 -15.00 11.93
N LYS A 337 -36.01 -19.79 8.34
CA LYS A 337 -35.65 -20.71 7.27
C LYS A 337 -36.45 -20.50 5.98
N THR A 338 -37.66 -19.93 6.06
CA THR A 338 -38.43 -19.59 4.86
C THR A 338 -37.93 -18.29 4.21
N LEU A 339 -37.59 -18.37 2.94
CA LEU A 339 -37.34 -17.19 2.13
C LEU A 339 -38.11 -17.42 0.82
N GLU A 340 -39.25 -16.77 0.70
CA GLU A 340 -40.13 -16.98 -0.44
C GLU A 340 -39.62 -16.20 -1.63
N CYS A 341 -39.32 -16.89 -2.72
CA CYS A 341 -38.89 -16.21 -3.93
C CYS A 341 -40.06 -15.95 -4.90
N MSE A 342 -40.15 -14.71 -5.36
CA MSE A 342 -41.34 -14.21 -6.06
C MSE A 342 -40.96 -13.35 -7.24
O MSE A 342 -39.81 -13.02 -7.41
CB MSE A 342 -42.13 -13.26 -5.18
CG MSE A 342 -42.10 -13.62 -3.80
SE MSE A 342 -43.55 -14.73 -3.35
CE MSE A 342 -43.71 -16.13 -4.63
N ILE A 343 -41.97 -12.98 -8.00
CA ILE A 343 -41.80 -12.07 -9.13
C ILE A 343 -42.27 -10.70 -8.66
N ALA A 344 -41.47 -9.67 -8.92
CA ALA A 344 -41.88 -8.32 -8.55
C ALA A 344 -43.12 -7.89 -9.34
N PRO A 345 -44.06 -7.23 -8.66
CA PRO A 345 -45.23 -6.76 -9.43
C PRO A 345 -44.83 -5.69 -10.47
N THR A 346 -43.78 -4.94 -10.18
CA THR A 346 -43.29 -3.92 -11.09
C THR A 346 -41.81 -4.11 -11.38
N ASP A 347 -41.32 -3.47 -12.43
CA ASP A 347 -39.92 -3.58 -12.77
C ASP A 347 -39.03 -2.61 -11.94
N GLU A 348 -38.62 -3.05 -10.74
CA GLU A 348 -37.64 -2.29 -9.96
C GLU A 348 -36.18 -2.49 -10.45
N GLY A 349 -35.99 -3.14 -11.60
CA GLY A 349 -34.68 -3.16 -12.26
C GLY A 349 -33.64 -4.06 -11.60
N GLY A 350 -34.08 -5.15 -10.98
CA GLY A 350 -33.14 -6.11 -10.33
C GLY A 350 -33.83 -6.91 -9.25
N ILE A 351 -33.08 -7.73 -8.52
CA ILE A 351 -33.62 -8.43 -7.39
C ILE A 351 -33.61 -7.57 -6.12
N TYR A 352 -34.72 -7.60 -5.38
CA TYR A 352 -34.79 -6.94 -4.09
C TYR A 352 -35.42 -7.83 -3.01
N TYR A 353 -35.13 -7.45 -1.78
CA TYR A 353 -35.48 -8.23 -0.63
C TYR A 353 -36.42 -7.44 0.22
N THR A 354 -37.43 -8.10 0.80
CA THR A 354 -38.29 -7.51 1.80
C THR A 354 -38.27 -8.40 3.05
N GLY A 355 -37.90 -7.84 4.17
CA GLY A 355 -37.73 -8.70 5.35
C GLY A 355 -39.04 -9.15 5.96
N PRO A 356 -38.97 -10.06 6.92
CA PRO A 356 -40.17 -10.61 7.55
C PRO A 356 -40.93 -9.59 8.37
N SER A 357 -42.23 -9.87 8.62
CA SER A 357 -42.96 -9.12 9.60
C SER A 357 -42.29 -9.29 11.02
N ASP A 358 -42.54 -8.36 11.91
CA ASP A 358 -42.03 -8.41 13.29
C ASP A 358 -42.40 -9.75 13.97
N ASP A 359 -43.57 -10.28 13.63
CA ASP A 359 -44.05 -11.50 14.29
C ASP A 359 -43.77 -12.76 13.49
N PHE A 360 -43.10 -12.56 12.34
CA PHE A 360 -42.72 -13.63 11.42
C PHE A 360 -43.88 -14.33 10.75
N SER A 361 -45.07 -13.75 10.84
CA SER A 361 -46.20 -14.29 10.08
C SER A 361 -46.05 -14.02 8.56
N ARG A 362 -45.45 -12.93 8.17
CA ARG A 362 -44.96 -12.79 6.80
C ARG A 362 -43.45 -13.11 6.79
N PRO A 363 -43.05 -14.11 6.01
CA PRO A 363 -41.65 -14.49 5.91
C PRO A 363 -40.84 -13.47 5.12
N GLY A 364 -39.51 -13.57 5.19
CA GLY A 364 -38.68 -12.81 4.28
C GLY A 364 -39.07 -13.20 2.86
N ARG A 365 -38.98 -12.24 1.95
CA ARG A 365 -39.23 -12.51 0.54
C ARG A 365 -38.18 -11.87 -0.37
N MSE A 366 -37.92 -12.52 -1.50
CA MSE A 366 -37.03 -11.99 -2.55
C MSE A 366 -37.83 -11.84 -3.82
O MSE A 366 -38.63 -12.72 -4.15
CB MSE A 366 -35.87 -12.97 -2.80
CG MSE A 366 -34.63 -12.32 -3.22
SE MSE A 366 -33.06 -13.55 -3.25
CE MSE A 366 -33.94 -14.49 -4.53
N TRP A 367 -37.66 -10.72 -4.51
CA TRP A 367 -38.51 -10.37 -5.64
C TRP A 367 -37.60 -10.12 -6.87
N TRP A 368 -37.82 -10.85 -7.94
CA TRP A 368 -37.09 -10.63 -9.16
C TRP A 368 -37.93 -9.75 -10.06
N SER A 369 -37.38 -8.64 -10.50
CA SER A 369 -38.10 -7.69 -11.40
C SER A 369 -37.84 -8.12 -12.82
N VAL A 370 -38.91 -8.39 -13.58
CA VAL A 370 -38.83 -8.80 -14.97
C VAL A 370 -39.08 -7.57 -15.87
N PRO A 371 -38.09 -7.20 -16.70
CA PRO A 371 -38.36 -6.06 -17.57
C PRO A 371 -39.44 -6.38 -18.61
N ALA A 372 -40.19 -5.37 -18.98
CA ALA A 372 -41.38 -5.54 -19.79
C ALA A 372 -41.02 -6.35 -21.01
N GLY A 373 -41.77 -7.41 -21.26
CA GLY A 373 -41.59 -8.20 -22.48
C GLY A 373 -40.56 -9.31 -22.41
N GLU A 374 -39.84 -9.40 -21.29
CA GLU A 374 -38.79 -10.40 -21.13
C GLU A 374 -39.41 -11.65 -20.53
N ASP A 375 -39.10 -12.82 -21.10
CA ASP A 375 -39.59 -14.12 -20.59
C ASP A 375 -38.57 -15.25 -20.64
N THR A 376 -37.31 -14.89 -20.93
CA THR A 376 -36.16 -15.80 -20.85
C THR A 376 -35.15 -15.09 -19.95
N PHE A 377 -34.43 -15.87 -19.17
CA PHE A 377 -33.63 -15.36 -18.05
C PHE A 377 -32.31 -16.08 -17.98
N THR A 378 -31.24 -15.30 -18.00
CA THR A 378 -29.91 -15.81 -17.92
C THR A 378 -29.56 -15.76 -16.46
N THR A 379 -29.11 -16.86 -15.89
CA THR A 379 -28.95 -16.94 -14.44
C THR A 379 -27.50 -16.86 -13.96
N TRP A 380 -26.54 -17.10 -14.86
CA TRP A 380 -25.15 -17.17 -14.48
C TRP A 380 -24.77 -15.90 -13.69
N SER A 381 -25.26 -14.73 -14.09
CA SER A 381 -24.82 -13.47 -13.42
C SER A 381 -25.61 -13.22 -12.15
N GLU A 382 -26.71 -13.95 -11.97
CA GLU A 382 -27.64 -13.70 -10.85
C GLU A 382 -27.58 -14.73 -9.70
N THR A 383 -26.83 -15.82 -9.86
CA THR A 383 -26.60 -16.69 -8.73
C THR A 383 -26.04 -15.98 -7.53
N THR A 384 -25.03 -15.17 -7.76
CA THR A 384 -24.40 -14.42 -6.67
C THR A 384 -25.42 -13.47 -6.01
N THR A 385 -26.29 -12.88 -6.86
CA THR A 385 -27.28 -11.91 -6.37
C THR A 385 -28.29 -12.60 -5.45
N VAL A 386 -28.60 -13.85 -5.72
CA VAL A 386 -29.51 -14.61 -4.87
C VAL A 386 -28.94 -14.75 -3.43
N PHE A 387 -27.63 -14.92 -3.33
CA PHE A 387 -26.99 -15.03 -2.04
C PHE A 387 -26.86 -13.66 -1.35
N HIS A 388 -26.61 -12.63 -2.16
CA HIS A 388 -26.47 -11.25 -1.69
C HIS A 388 -27.80 -10.76 -1.12
N GLU A 389 -28.90 -10.87 -1.90
CA GLU A 389 -30.16 -10.32 -1.48
C GLU A 389 -30.87 -11.27 -0.52
N GLY A 390 -30.48 -12.54 -0.56
CA GLY A 390 -31.19 -13.56 0.21
C GLY A 390 -30.38 -14.17 1.33
N VAL A 391 -30.03 -15.44 1.19
CA VAL A 391 -29.25 -16.13 2.22
C VAL A 391 -27.87 -16.45 1.63
N PRO A 392 -26.79 -16.09 2.34
CA PRO A 392 -26.70 -15.57 3.70
C PRO A 392 -26.54 -14.08 3.86
N GLY A 393 -26.89 -13.34 2.81
CA GLY A 393 -26.83 -11.90 2.80
C GLY A 393 -28.01 -11.23 3.50
N HIS A 394 -28.74 -10.33 2.80
CA HIS A 394 -29.75 -9.51 3.43
C HIS A 394 -30.72 -10.27 4.34
N HIS A 395 -31.16 -11.42 3.94
CA HIS A 395 -32.17 -12.13 4.75
C HIS A 395 -31.68 -12.47 6.11
N LEU A 396 -30.47 -13.01 6.19
CA LEU A 396 -29.98 -13.37 7.52
C LEU A 396 -29.70 -12.15 8.38
N GLN A 397 -29.18 -11.10 7.78
CA GLN A 397 -28.89 -9.92 8.55
C GLN A 397 -30.17 -9.23 9.01
N VAL A 398 -31.04 -8.89 8.07
CA VAL A 398 -32.28 -8.19 8.37
C VAL A 398 -33.16 -9.05 9.25
N ALA A 399 -33.37 -10.33 8.88
CA ALA A 399 -34.25 -11.19 9.71
C ALA A 399 -33.73 -11.45 11.12
N THR A 400 -32.40 -11.54 11.28
CA THR A 400 -31.86 -11.69 12.62
C THR A 400 -32.11 -10.43 13.50
N ALA A 401 -31.88 -9.25 12.94
CA ALA A 401 -32.14 -8.02 13.69
C ALA A 401 -33.63 -8.00 14.14
N THR A 402 -34.50 -8.40 13.21
CA THR A 402 -35.95 -8.38 13.48
C THR A 402 -36.32 -9.42 14.56
N TYR A 403 -35.72 -10.60 14.46
CA TYR A 403 -35.85 -11.67 15.47
C TYR A 403 -35.44 -11.18 16.87
N ARG A 404 -34.42 -10.35 16.94
CA ARG A 404 -33.98 -9.87 18.25
CA ARG A 404 -33.94 -9.84 18.23
C ARG A 404 -34.65 -8.56 18.68
N ARG A 405 -35.75 -8.19 18.03
CA ARG A 405 -36.31 -6.84 18.25
C ARG A 405 -36.72 -6.52 19.68
N GLU A 406 -37.14 -7.51 20.44
CA GLU A 406 -37.45 -7.26 21.85
C GLU A 406 -36.22 -6.89 22.67
N LEU A 407 -35.02 -7.11 22.15
CA LEU A 407 -33.83 -6.69 22.88
C LEU A 407 -33.26 -5.34 22.36
N LEU A 408 -34.01 -4.64 21.50
CA LEU A 408 -33.50 -3.49 20.73
C LEU A 408 -34.47 -2.31 20.91
N ASN A 409 -34.01 -1.18 21.44
CA ASN A 409 -34.91 -0.02 21.53
C ASN A 409 -35.40 0.52 20.18
N ASN A 410 -36.31 1.47 20.23
CA ASN A 410 -36.96 1.93 19.01
C ASN A 410 -36.01 2.69 18.10
N TRP A 411 -35.01 3.36 18.69
CA TRP A 411 -33.99 4.04 17.87
C TRP A 411 -33.21 3.01 17.08
N ARG A 412 -32.75 1.96 17.75
CA ARG A 412 -31.95 0.92 17.11
C ARG A 412 -32.77 0.23 16.07
N ARG A 413 -34.04 0.00 16.36
CA ARG A 413 -34.90 -0.78 15.45
C ARG A 413 -35.32 -0.03 14.23
N ASN A 414 -35.67 1.25 14.40
CA ASN A 414 -36.42 1.98 13.38
C ASN A 414 -35.69 3.17 12.79
N VAL A 415 -34.60 3.58 13.40
CA VAL A 415 -33.90 4.78 12.99
C VAL A 415 -32.47 4.48 12.51
N CYS A 416 -31.65 3.93 13.41
CA CYS A 416 -30.25 3.67 13.07
C CYS A 416 -30.09 2.64 11.94
N TRP A 417 -29.55 3.11 10.82
CA TRP A 417 -29.24 2.28 9.71
C TRP A 417 -28.03 2.85 8.98
N VAL A 418 -27.04 2.01 8.73
CA VAL A 418 -25.82 2.43 8.08
C VAL A 418 -25.55 1.57 6.82
N SER A 419 -25.48 2.22 5.65
CA SER A 419 -25.19 1.53 4.37
C SER A 419 -24.01 0.56 4.38
N GLY A 420 -22.86 0.94 4.90
CA GLY A 420 -21.71 0.02 4.90
C GLY A 420 -21.99 -1.24 5.68
N HIS A 421 -22.84 -1.11 6.70
CA HIS A 421 -23.13 -2.25 7.53
C HIS A 421 -23.90 -3.31 6.72
N GLY A 422 -25.04 -2.90 6.18
CA GLY A 422 -25.95 -3.90 5.54
C GLY A 422 -25.45 -4.29 4.16
N GLU A 423 -24.94 -3.30 3.39
CA GLU A 423 -24.39 -3.65 2.07
C GLU A 423 -23.07 -4.34 2.24
N GLY A 424 -22.21 -3.89 3.21
CA GLY A 424 -20.99 -4.62 3.49
C GLY A 424 -21.22 -6.10 3.82
N TRP A 425 -22.27 -6.35 4.60
CA TRP A 425 -22.68 -7.71 4.98
C TRP A 425 -23.10 -8.51 3.76
N ALA A 426 -23.87 -7.93 2.86
CA ALA A 426 -24.30 -8.72 1.69
C ALA A 426 -23.13 -9.15 0.80
N LEU A 427 -22.14 -8.25 0.67
CA LEU A 427 -20.85 -8.55 0.04
C LEU A 427 -19.99 -9.57 0.76
N TYR A 428 -19.93 -9.47 2.09
CA TYR A 428 -19.30 -10.50 2.91
C TYR A 428 -19.93 -11.84 2.64
N ALA A 429 -21.25 -11.84 2.54
CA ALA A 429 -22.02 -13.02 2.30
C ALA A 429 -21.68 -13.65 0.96
N GLU A 430 -21.56 -12.85 -0.07
CA GLU A 430 -21.17 -13.39 -1.39
C GLU A 430 -19.76 -13.97 -1.32
N GLN A 431 -18.84 -13.25 -0.68
CA GLN A 431 -17.50 -13.79 -0.51
C GLN A 431 -17.53 -15.11 0.29
N LEU A 432 -18.38 -15.19 1.31
CA LEU A 432 -18.45 -16.43 2.06
C LEU A 432 -18.92 -17.57 1.17
N MSE A 433 -19.95 -17.33 0.34
CA MSE A 433 -20.45 -18.39 -0.56
C MSE A 433 -19.41 -18.81 -1.61
O MSE A 433 -19.32 -19.99 -1.93
CB MSE A 433 -21.76 -18.02 -1.21
CG MSE A 433 -22.90 -17.83 -0.20
SE MSE A 433 -23.17 -19.29 1.02
CE MSE A 433 -24.63 -20.08 -0.02
N LEU A 434 -18.63 -17.89 -2.13
CA LEU A 434 -17.46 -18.25 -2.93
C LEU A 434 -16.56 -19.21 -2.12
N GLU A 435 -16.19 -18.82 -0.91
CA GLU A 435 -15.23 -19.61 -0.11
C GLU A 435 -15.75 -20.99 0.32
N LEU A 436 -17.08 -21.12 0.44
CA LEU A 436 -17.76 -22.38 0.79
C LEU A 436 -18.11 -23.29 -0.43
N GLY A 437 -17.77 -22.86 -1.64
CA GLY A 437 -17.86 -23.72 -2.79
C GLY A 437 -19.17 -23.66 -3.53
N TYR A 438 -20.01 -22.65 -3.24
CA TYR A 438 -21.25 -22.45 -3.98
C TYR A 438 -21.13 -21.86 -5.39
N LEU A 439 -19.95 -21.35 -5.75
CA LEU A 439 -19.79 -20.69 -7.04
C LEU A 439 -18.75 -21.42 -7.90
N LYS A 440 -18.78 -22.74 -7.88
CA LYS A 440 -17.69 -23.47 -8.51
C LYS A 440 -17.94 -23.46 -10.00
N ASP A 441 -19.22 -23.44 -10.38
CA ASP A 441 -19.53 -23.27 -11.77
C ASP A 441 -18.87 -21.95 -12.26
N PRO A 442 -18.05 -22.00 -13.33
CA PRO A 442 -17.36 -20.80 -13.76
C PRO A 442 -18.27 -19.63 -14.13
N GLY A 443 -19.46 -19.93 -14.64
CA GLY A 443 -20.43 -18.89 -14.94
C GLY A 443 -20.86 -18.18 -13.67
N ASP A 444 -21.25 -18.98 -12.68
CA ASP A 444 -21.69 -18.40 -11.40
C ASP A 444 -20.56 -17.58 -10.77
N HIS A 445 -19.33 -18.10 -10.85
CA HIS A 445 -18.14 -17.42 -10.35
C HIS A 445 -17.94 -16.08 -11.03
N MSE A 446 -17.99 -16.11 -12.36
CA MSE A 446 -17.88 -14.90 -13.16
C MSE A 446 -18.88 -13.83 -12.71
O MSE A 446 -18.49 -12.66 -12.57
CB MSE A 446 -18.07 -15.17 -14.63
CG MSE A 446 -17.75 -14.00 -15.58
SE MSE A 446 -15.89 -13.35 -15.50
CE MSE A 446 -15.19 -14.61 -16.85
N GLY A 447 -20.15 -14.20 -12.55
CA GLY A 447 -21.17 -13.27 -12.06
C GLY A 447 -20.82 -12.63 -10.71
N MSE A 448 -20.28 -13.42 -9.80
CA MSE A 448 -19.80 -12.88 -8.51
C MSE A 448 -18.66 -11.87 -8.71
O MSE A 448 -18.67 -10.76 -8.18
CB MSE A 448 -19.32 -14.02 -7.63
CG MSE A 448 -18.97 -13.55 -6.21
SE MSE A 448 -17.08 -13.31 -6.05
CE MSE A 448 -17.15 -12.81 -4.14
N LEU A 449 -17.70 -12.25 -9.54
CA LEU A 449 -16.58 -11.37 -9.78
C LEU A 449 -17.02 -10.03 -10.46
N ASP A 450 -17.98 -10.11 -11.35
CA ASP A 450 -18.53 -8.93 -12.02
C ASP A 450 -19.06 -7.91 -11.04
N GLY A 451 -19.88 -8.39 -10.08
CA GLY A 451 -20.46 -7.52 -9.08
C GLY A 451 -19.38 -6.99 -8.16
N GLN A 452 -18.40 -7.83 -7.83
CA GLN A 452 -17.31 -7.31 -6.99
C GLN A 452 -16.49 -6.28 -7.75
N ARG A 453 -16.26 -6.52 -9.02
CA ARG A 453 -15.44 -5.61 -9.84
C ARG A 453 -16.16 -4.26 -9.96
N MSE A 454 -17.44 -4.29 -10.19
CA MSE A 454 -18.18 -3.07 -10.29
C MSE A 454 -18.12 -2.26 -8.98
O MSE A 454 -17.87 -1.09 -8.97
CB MSE A 454 -19.62 -3.37 -10.59
CG MSE A 454 -20.27 -2.13 -10.72
SE MSE A 454 -21.48 -1.89 -9.34
CE MSE A 454 -22.51 -2.27 -11.02
N ARG A 455 -18.33 -2.95 -7.86
CA ARG A 455 -18.19 -2.33 -6.53
C ARG A 455 -16.78 -1.90 -6.14
N ALA A 456 -15.74 -2.61 -6.60
CA ALA A 456 -14.33 -2.14 -6.41
C ALA A 456 -14.06 -0.85 -7.24
N ALA A 457 -14.59 -0.82 -8.49
CA ALA A 457 -14.54 0.35 -9.37
C ALA A 457 -15.19 1.56 -8.66
N ARG A 458 -16.29 1.35 -7.93
CA ARG A 458 -16.92 2.42 -7.18
C ARG A 458 -15.98 3.09 -6.15
N VAL A 459 -15.17 2.29 -5.50
CA VAL A 459 -14.21 2.77 -4.50
C VAL A 459 -13.20 3.71 -5.18
N VAL A 460 -12.63 3.23 -6.28
CA VAL A 460 -11.58 3.95 -7.04
C VAL A 460 -12.18 5.22 -7.60
N PHE A 461 -13.34 5.10 -8.26
CA PHE A 461 -14.00 6.31 -8.84
C PHE A 461 -14.34 7.33 -7.74
N ASP A 462 -15.01 6.92 -6.67
CA ASP A 462 -15.61 7.90 -5.76
C ASP A 462 -14.52 8.73 -5.06
N ILE A 463 -13.55 8.03 -4.49
CA ILE A 463 -12.50 8.64 -3.76
C ILE A 463 -11.56 9.39 -4.74
N GLY A 464 -11.21 8.75 -5.85
CA GLY A 464 -10.26 9.29 -6.84
C GLY A 464 -10.79 10.60 -7.42
N VAL A 465 -12.06 10.59 -7.80
CA VAL A 465 -12.64 11.79 -8.44
C VAL A 465 -12.86 12.92 -7.41
N HIS A 466 -13.44 12.57 -6.27
CA HIS A 466 -13.80 13.61 -5.32
C HIS A 466 -12.57 14.25 -4.68
N LEU A 467 -11.47 13.49 -4.57
CA LEU A 467 -10.22 14.06 -4.05
C LEU A 467 -9.20 14.46 -5.13
N GLU A 468 -9.53 14.24 -6.40
CA GLU A 468 -8.66 14.54 -7.52
C GLU A 468 -7.29 13.89 -7.39
N LEU A 469 -7.33 12.60 -7.13
CA LEU A 469 -6.11 11.80 -6.93
C LEU A 469 -5.49 11.36 -8.28
N PRO A 470 -4.21 10.92 -8.25
CA PRO A 470 -3.54 10.39 -9.40
C PRO A 470 -4.27 9.20 -9.96
N VAL A 471 -4.49 9.25 -11.25
CA VAL A 471 -5.16 8.13 -11.94
C VAL A 471 -4.19 6.95 -11.99
N PRO A 472 -4.63 5.71 -11.74
CA PRO A 472 -3.71 4.61 -11.85
C PRO A 472 -3.34 4.42 -13.30
N GLU A 473 -2.13 4.01 -13.58
CA GLU A 473 -1.69 3.99 -15.00
C GLU A 473 -2.51 3.05 -15.88
N ARG A 474 -3.09 2.03 -15.30
CA ARG A 474 -3.98 1.20 -16.08
C ARG A 474 -5.22 1.96 -16.67
N TRP A 475 -5.67 3.01 -15.95
CA TRP A 475 -6.90 3.72 -16.30
C TRP A 475 -6.73 5.11 -16.84
N GLY A 476 -5.53 5.63 -16.80
CA GLY A 476 -5.22 6.96 -17.34
C GLY A 476 -3.94 7.53 -16.80
N THR A 477 -3.83 8.87 -16.90
CA THR A 477 -2.66 9.62 -16.46
C THR A 477 -3.17 10.90 -15.81
N GLY A 478 -2.28 11.63 -15.14
CA GLY A 478 -2.69 12.84 -14.48
C GLY A 478 -3.54 12.56 -13.26
N THR A 479 -4.40 13.52 -12.91
CA THR A 479 -5.33 13.30 -11.83
C THR A 479 -6.75 13.16 -12.40
N TRP A 480 -7.63 12.60 -11.57
CA TRP A 480 -8.96 12.19 -12.00
C TRP A 480 -9.73 13.43 -12.34
N THR A 481 -10.52 13.31 -13.37
CA THR A 481 -11.51 14.30 -13.71
C THR A 481 -12.77 13.50 -13.96
N PRO A 482 -13.92 14.18 -13.89
CA PRO A 482 -15.12 13.43 -14.20
C PRO A 482 -15.14 12.77 -15.58
N GLU A 483 -14.66 13.43 -16.62
CA GLU A 483 -14.56 12.80 -17.96
C GLU A 483 -13.73 11.47 -17.94
N LYS A 484 -12.60 11.48 -17.25
CA LYS A 484 -11.76 10.27 -17.14
C LYS A 484 -12.50 9.23 -16.33
N GLY A 485 -13.24 9.66 -15.32
CA GLY A 485 -13.96 8.75 -14.48
C GLY A 485 -15.03 8.03 -15.27
N PHE A 486 -15.70 8.76 -16.17
CA PHE A 486 -16.79 8.14 -16.99
C PHE A 486 -16.24 6.97 -17.83
N ASP A 487 -15.14 7.20 -18.55
CA ASP A 487 -14.49 6.14 -19.35
C ASP A 487 -14.08 4.93 -18.47
N PHE A 488 -13.61 5.22 -17.27
CA PHE A 488 -13.21 4.21 -16.30
C PHE A 488 -14.41 3.34 -15.90
N LEU A 489 -15.54 3.97 -15.66
CA LEU A 489 -16.74 3.22 -15.29
C LEU A 489 -17.21 2.37 -16.46
N LYS A 490 -17.18 2.93 -17.65
CA LYS A 490 -17.56 2.21 -18.86
C LYS A 490 -16.72 0.93 -19.04
N ALA A 491 -15.46 1.00 -18.69
CA ALA A 491 -14.56 -0.17 -18.75
C ALA A 491 -14.88 -1.22 -17.67
N ASN A 492 -15.47 -0.82 -16.56
CA ASN A 492 -15.63 -1.72 -15.41
C ASN A 492 -17.03 -2.12 -14.97
N LEU A 493 -18.04 -1.46 -15.51
CA LEU A 493 -19.45 -1.78 -15.27
C LEU A 493 -20.09 -2.36 -16.52
N ASP A 494 -20.54 -3.62 -16.50
CA ASP A 494 -21.30 -4.21 -17.63
C ASP A 494 -22.76 -3.85 -17.48
N ILE A 495 -23.13 -2.65 -17.87
CA ILE A 495 -24.49 -2.22 -17.70
C ILE A 495 -24.86 -1.39 -18.91
N SER A 496 -26.16 -1.09 -19.03
CA SER A 496 -26.65 -0.33 -20.16
C SER A 496 -26.05 1.08 -20.21
N GLU A 497 -26.07 1.68 -21.40
CA GLU A 497 -25.67 3.08 -21.56
C GLU A 497 -26.38 4.03 -20.56
N GLY A 498 -27.70 3.89 -20.46
CA GLY A 498 -28.53 4.78 -19.64
C GLY A 498 -28.25 4.56 -18.15
N GLN A 499 -28.11 3.31 -17.77
CA GLN A 499 -27.70 3.02 -16.40
C GLN A 499 -26.28 3.47 -16.06
N LEU A 500 -25.37 3.34 -17.02
CA LEU A 500 -24.01 3.87 -16.83
C LEU A 500 -24.09 5.33 -16.56
N GLN A 501 -24.84 6.08 -17.38
CA GLN A 501 -24.92 7.57 -17.24
CA GLN A 501 -24.89 7.54 -17.22
C GLN A 501 -25.50 7.89 -15.84
N PHE A 502 -26.53 7.15 -15.44
CA PHE A 502 -27.11 7.32 -14.10
C PHE A 502 -26.17 7.07 -12.94
N GLU A 503 -25.41 5.98 -12.99
CA GLU A 503 -24.48 5.64 -11.95
C GLU A 503 -23.41 6.72 -11.86
N PHE A 504 -22.91 7.13 -13.01
CA PHE A 504 -21.91 8.22 -13.07
C PHE A 504 -22.38 9.47 -12.31
N THR A 505 -23.53 9.96 -12.71
CA THR A 505 -24.16 11.14 -12.12
C THR A 505 -24.41 10.97 -10.62
N ARG A 506 -24.87 9.78 -10.26
CA ARG A 506 -25.09 9.46 -8.87
C ARG A 506 -23.81 9.59 -7.99
N TYR A 507 -22.73 8.97 -8.45
CA TYR A 507 -21.50 8.93 -7.65
C TYR A 507 -20.98 10.36 -7.47
N LEU A 508 -21.09 11.17 -8.54
CA LEU A 508 -20.68 12.55 -8.50
C LEU A 508 -21.51 13.41 -7.52
N GLY A 509 -22.82 13.16 -7.49
CA GLY A 509 -23.70 13.96 -6.69
C GLY A 509 -23.99 13.44 -5.28
N TRP A 510 -23.65 12.18 -5.02
CA TRP A 510 -23.92 11.54 -3.72
C TRP A 510 -22.57 11.04 -3.15
N PRO A 511 -21.65 11.97 -2.91
CA PRO A 511 -20.31 11.44 -2.58
C PRO A 511 -20.32 10.63 -1.29
N GLY A 512 -19.45 9.61 -1.25
CA GLY A 512 -19.28 8.76 -0.08
C GLY A 512 -20.04 7.45 -0.05
N GLN A 513 -21.14 7.38 -0.78
CA GLN A 513 -21.97 6.20 -0.74
C GLN A 513 -21.43 5.07 -1.61
N ALA A 514 -20.84 5.39 -2.76
CA ALA A 514 -20.54 4.31 -3.69
C ALA A 514 -19.49 3.32 -3.14
N PRO A 515 -18.47 3.78 -2.37
CA PRO A 515 -17.54 2.79 -1.76
C PRO A 515 -18.04 2.04 -0.55
N SER A 516 -19.21 2.40 -0.03
CA SER A 516 -19.73 1.81 1.22
C SER A 516 -19.92 0.29 1.10
N TYR A 517 -20.18 -0.21 -0.11
CA TYR A 517 -20.36 -1.65 -0.34
C TYR A 517 -19.04 -2.39 -0.08
N LYS A 518 -18.00 -2.10 -0.90
CA LYS A 518 -16.75 -2.81 -0.81
C LYS A 518 -15.98 -2.47 0.45
N VAL A 519 -16.07 -1.21 0.88
CA VAL A 519 -15.37 -0.81 2.13
C VAL A 519 -16.05 -1.45 3.31
N GLY A 520 -17.37 -1.51 3.27
CA GLY A 520 -18.10 -2.28 4.32
C GLY A 520 -17.68 -3.73 4.38
N GLN A 521 -17.58 -4.38 3.23
CA GLN A 521 -17.03 -5.75 3.16
C GLN A 521 -15.64 -5.86 3.80
N ARG A 522 -14.75 -4.93 3.43
CA ARG A 522 -13.41 -4.92 3.95
C ARG A 522 -13.38 -4.89 5.46
N LEU A 523 -14.20 -4.04 6.06
CA LEU A 523 -14.23 -3.84 7.49
C LEU A 523 -14.86 -5.00 8.21
N TRP A 524 -15.91 -5.58 7.62
CA TRP A 524 -16.46 -6.81 8.17
C TRP A 524 -15.38 -7.89 8.20
N GLU A 525 -14.65 -8.05 7.10
CA GLU A 525 -13.63 -9.09 7.00
C GLU A 525 -12.49 -8.83 7.96
N GLN A 526 -12.14 -7.56 8.18
CA GLN A 526 -11.11 -7.19 9.16
C GLN A 526 -11.48 -7.61 10.60
N ILE A 527 -12.73 -7.37 10.96
CA ILE A 527 -13.31 -7.80 12.27
C ILE A 527 -13.19 -9.32 12.42
N ARG A 528 -13.65 -10.07 11.42
CA ARG A 528 -13.55 -11.52 11.47
C ARG A 528 -12.11 -12.05 11.52
N ALA A 529 -11.22 -11.45 10.72
CA ALA A 529 -9.81 -11.81 10.72
C ALA A 529 -9.20 -11.57 12.09
N GLU A 530 -9.47 -10.45 12.73
CA GLU A 530 -8.89 -10.26 14.06
C GLU A 530 -9.35 -11.36 15.05
N LEU A 531 -10.65 -11.60 15.11
CA LEU A 531 -11.25 -12.59 16.01
C LEU A 531 -10.73 -13.97 15.73
N GLU A 532 -10.46 -14.25 14.46
CA GLU A 532 -9.86 -15.51 14.05
C GLU A 532 -8.45 -15.74 14.57
N SER A 533 -7.72 -14.67 14.87
CA SER A 533 -6.39 -14.88 15.39
C SER A 533 -6.43 -15.56 16.77
N ARG A 534 -7.56 -15.49 17.46
CA ARG A 534 -7.67 -16.02 18.86
C ARG A 534 -8.15 -17.47 19.01
N GLU A 535 -7.73 -18.06 20.14
CA GLU A 535 -8.15 -19.39 20.52
C GLU A 535 -9.68 -19.45 20.67
N GLY A 536 -10.25 -20.57 20.27
CA GLY A 536 -11.66 -20.82 20.46
C GLY A 536 -12.56 -20.09 19.48
N PHE A 537 -12.00 -19.40 18.49
CA PHE A 537 -12.89 -18.72 17.54
C PHE A 537 -13.84 -19.75 16.99
N ASP A 538 -15.09 -19.34 16.86
CA ASP A 538 -16.15 -20.16 16.36
C ASP A 538 -16.96 -19.33 15.38
N LEU A 539 -16.98 -19.73 14.12
CA LEU A 539 -17.54 -18.89 13.09
C LEU A 539 -19.03 -18.66 13.24
N LYS A 540 -19.77 -19.72 13.57
CA LYS A 540 -21.18 -19.53 13.82
C LYS A 540 -21.49 -18.55 14.96
N SER A 541 -20.69 -18.62 16.03
CA SER A 541 -20.87 -17.77 17.20
C SER A 541 -20.58 -16.33 16.87
N PHE A 542 -19.54 -16.11 16.08
CA PHE A 542 -19.25 -14.78 15.52
C PHE A 542 -20.41 -14.18 14.74
N HIS A 543 -20.97 -14.97 13.84
CA HIS A 543 -22.06 -14.52 12.94
C HIS A 543 -23.27 -14.15 13.79
N SER A 544 -23.61 -14.99 14.75
CA SER A 544 -24.70 -14.74 15.65
C SER A 544 -24.55 -13.47 16.50
N LYS A 545 -23.44 -13.33 17.19
CA LYS A 545 -23.17 -12.12 17.97
C LYS A 545 -23.21 -10.85 17.15
N ALA A 546 -22.64 -10.89 15.95
CA ALA A 546 -22.57 -9.71 15.07
C ALA A 546 -23.95 -9.35 14.54
N LEU A 547 -24.64 -10.31 13.96
CA LEU A 547 -25.95 -10.05 13.36
C LEU A 547 -27.03 -9.66 14.37
N ASN A 548 -26.89 -10.16 15.58
CA ASN A 548 -27.82 -9.82 16.70
C ASN A 548 -27.84 -8.33 17.04
N ILE A 549 -26.74 -7.65 16.77
CA ILE A 549 -26.58 -6.26 17.07
C ILE A 549 -27.45 -5.35 16.18
N GLY A 550 -27.77 -5.81 14.98
CA GLY A 550 -28.52 -4.96 14.06
C GLY A 550 -27.63 -3.95 13.35
N SER A 551 -28.22 -3.00 12.66
CA SER A 551 -27.49 -2.02 11.86
C SER A 551 -26.79 -0.93 12.72
N VAL A 552 -25.48 -0.91 12.70
CA VAL A 552 -24.70 0.08 13.35
C VAL A 552 -23.52 0.40 12.45
N GLY A 553 -22.82 1.49 12.76
CA GLY A 553 -21.64 1.89 12.02
C GLY A 553 -20.57 0.83 12.21
N LEU A 554 -19.73 0.70 11.21
CA LEU A 554 -18.64 -0.27 11.30
C LEU A 554 -17.66 -0.03 12.48
N ASP A 555 -17.37 1.21 12.89
CA ASP A 555 -16.55 1.44 14.10
C ASP A 555 -17.19 0.82 15.36
N VAL A 556 -18.50 1.00 15.43
CA VAL A 556 -19.34 0.60 16.56
C VAL A 556 -19.40 -0.93 16.64
N LEU A 557 -19.60 -1.52 15.48
CA LEU A 557 -19.65 -2.95 15.40
C LEU A 557 -18.35 -3.59 15.84
N ARG A 558 -17.22 -3.01 15.39
CA ARG A 558 -15.91 -3.53 15.72
CA ARG A 558 -15.91 -3.51 15.70
C ARG A 558 -15.70 -3.41 17.24
N ARG A 559 -16.07 -2.29 17.83
CA ARG A 559 -15.94 -2.14 19.28
C ARG A 559 -16.90 -3.03 20.07
N ALA A 560 -18.07 -3.36 19.51
CA ALA A 560 -19.00 -4.31 20.13
C ALA A 560 -18.45 -5.73 20.15
N LEU A 561 -17.59 -6.06 19.19
CA LEU A 561 -17.11 -7.44 18.93
C LEU A 561 -15.65 -7.75 19.33
N LEU A 562 -14.80 -6.74 19.33
CA LEU A 562 -13.38 -6.93 19.64
C LEU A 562 -13.12 -6.62 21.12
N VAL B 11 42.06 5.87 -28.49
CA VAL B 11 42.46 4.64 -29.26
C VAL B 11 41.34 3.56 -29.39
N ARG B 12 40.21 3.77 -28.72
CA ARG B 12 38.97 3.06 -29.06
C ARG B 12 37.93 4.15 -29.20
N PRO B 13 37.50 4.45 -30.45
CA PRO B 13 36.55 5.55 -30.62
C PRO B 13 35.22 5.20 -29.95
N LYS B 14 34.50 6.20 -29.43
CA LYS B 14 33.24 5.95 -28.73
C LYS B 14 32.25 5.47 -29.76
N SER B 15 31.45 4.48 -29.39
CA SER B 15 30.51 3.83 -30.26
C SER B 15 29.13 4.44 -30.09
N ALA B 16 28.16 3.93 -30.86
CA ALA B 16 26.76 4.35 -30.73
C ALA B 16 26.23 3.97 -29.36
N ILE B 17 26.63 2.79 -28.91
CA ILE B 17 26.22 2.26 -27.61
C ILE B 17 26.80 3.07 -26.49
N ASP B 18 28.06 3.50 -26.60
CA ASP B 18 28.69 4.45 -25.69
C ASP B 18 27.97 5.80 -25.60
N ALA B 19 27.43 6.32 -26.72
CA ALA B 19 26.68 7.58 -26.71
C ALA B 19 25.41 7.46 -25.90
N VAL B 20 24.72 6.33 -26.01
CA VAL B 20 23.53 6.06 -25.18
C VAL B 20 23.87 6.03 -23.72
N ALA B 21 24.96 5.32 -23.40
CA ALA B 21 25.43 5.17 -22.04
C ALA B 21 25.82 6.50 -21.47
N ASP B 22 26.57 7.27 -22.28
CA ASP B 22 27.02 8.59 -21.87
C ASP B 22 25.89 9.60 -21.65
N ALA B 23 24.90 9.56 -22.53
CA ALA B 23 23.71 10.46 -22.41
C ALA B 23 22.88 10.08 -21.16
N TYR B 24 22.64 8.79 -20.93
CA TYR B 24 21.98 8.36 -19.69
C TYR B 24 22.74 8.80 -18.41
N THR B 25 24.07 8.64 -18.42
CA THR B 25 24.86 9.11 -17.33
C THR B 25 24.68 10.63 -17.07
N GLU B 26 24.72 11.47 -18.11
CA GLU B 26 24.50 12.92 -17.92
C GLU B 26 23.10 13.19 -17.29
N LYS B 27 22.10 12.42 -17.72
CA LYS B 27 20.77 12.54 -17.20
C LYS B 27 20.71 12.16 -15.72
N LEU B 28 21.39 11.07 -15.34
CA LEU B 28 21.46 10.66 -13.95
C LEU B 28 22.11 11.75 -13.12
N ILE B 29 23.15 12.40 -13.68
CA ILE B 29 23.84 13.52 -13.00
C ILE B 29 22.84 14.64 -12.87
N GLU B 30 22.09 14.94 -13.92
CA GLU B 30 21.09 16.02 -13.81
C GLU B 30 20.02 15.73 -12.74
N LEU B 31 19.56 14.49 -12.68
CA LEU B 31 18.50 14.13 -11.76
C LEU B 31 18.99 14.05 -10.32
N ASN B 32 20.25 13.70 -10.12
CA ASN B 32 20.79 13.52 -8.79
C ASN B 32 22.07 14.31 -8.60
N PRO B 33 21.93 15.56 -8.19
CA PRO B 33 23.06 16.43 -7.89
C PRO B 33 24.00 15.86 -6.83
N SER B 34 23.51 15.11 -5.85
CA SER B 34 24.40 14.47 -4.84
C SER B 34 25.37 13.49 -5.47
N PHE B 35 24.94 12.81 -6.53
CA PHE B 35 25.80 11.97 -7.36
C PHE B 35 26.84 12.81 -8.13
N ALA B 36 26.40 13.90 -8.75
CA ALA B 36 27.32 14.93 -9.29
C ALA B 36 28.47 15.31 -8.33
N THR B 37 28.13 15.48 -7.05
CA THR B 37 29.12 15.84 -6.02
C THR B 37 30.12 14.71 -5.75
N THR B 38 29.61 13.50 -5.59
CA THR B 38 30.47 12.34 -5.33
C THR B 38 31.47 12.15 -6.47
N LEU B 39 31.10 12.57 -7.68
CA LEU B 39 31.99 12.55 -8.84
C LEU B 39 33.01 13.70 -8.96
N GLY B 40 32.96 14.66 -8.03
CA GLY B 40 33.84 15.83 -8.06
C GLY B 40 33.44 16.91 -9.08
N LEU B 41 32.21 16.83 -9.62
CA LEU B 41 31.71 17.77 -10.66
C LEU B 41 31.12 19.05 -10.05
N PRO B 42 31.61 20.23 -10.46
CA PRO B 42 31.10 21.47 -9.84
C PRO B 42 29.68 21.82 -10.28
N GLY B 43 29.03 22.75 -9.58
CA GLY B 43 27.80 23.36 -10.06
C GLY B 43 26.57 23.17 -9.21
N HIS B 44 26.43 22.04 -8.56
CA HIS B 44 25.21 21.78 -7.84
C HIS B 44 25.60 21.31 -6.43
N GLU B 45 26.57 21.99 -5.85
CA GLU B 45 27.18 21.57 -4.56
C GLU B 45 26.23 21.62 -3.37
N THR B 46 25.15 22.38 -3.49
CA THR B 46 24.20 22.47 -2.39
C THR B 46 22.95 21.66 -2.56
N GLU B 47 22.79 20.95 -3.68
CA GLU B 47 21.50 20.33 -4.02
C GLU B 47 21.44 18.80 -3.79
N TYR B 48 20.22 18.30 -3.61
CA TYR B 48 19.95 16.89 -3.35
C TYR B 48 19.06 16.34 -4.50
N GLN B 49 19.04 15.06 -4.68
CA GLN B 49 17.98 14.49 -5.54
C GLN B 49 16.58 14.70 -4.99
N ASP B 50 15.61 14.52 -5.88
CA ASP B 50 14.19 14.56 -5.53
C ASP B 50 13.87 13.20 -4.93
N TYR B 51 13.76 13.11 -3.59
CA TYR B 51 13.46 11.81 -2.94
C TYR B 51 11.93 11.40 -2.98
N SER B 52 11.08 12.30 -3.48
CA SER B 52 9.65 12.09 -3.54
C SER B 52 9.29 11.10 -4.63
N PRO B 53 8.03 10.65 -4.66
CA PRO B 53 7.58 9.77 -5.73
C PRO B 53 7.78 10.35 -7.09
N ALA B 54 7.67 11.69 -7.18
CA ALA B 54 7.81 12.35 -8.46
C ALA B 54 9.26 12.17 -8.92
N GLY B 55 10.21 12.31 -8.00
CA GLY B 55 11.60 12.01 -8.30
C GLY B 55 11.81 10.56 -8.76
N ALA B 56 11.21 9.60 -8.08
CA ALA B 56 11.36 8.17 -8.47
C ALA B 56 10.79 7.96 -9.87
N ALA B 57 9.66 8.60 -10.15
CA ALA B 57 8.99 8.35 -11.44
C ALA B 57 9.82 8.99 -12.54
N ALA B 58 10.43 10.13 -12.24
CA ALA B 58 11.27 10.80 -13.24
C ALA B 58 12.49 9.91 -13.59
N HIS B 59 13.08 9.33 -12.57
CA HIS B 59 14.21 8.41 -12.77
C HIS B 59 13.79 7.18 -13.56
N ALA B 60 12.64 6.62 -13.23
CA ALA B 60 12.14 5.45 -13.91
C ALA B 60 11.89 5.78 -15.37
N GLU B 61 11.41 6.98 -15.65
CA GLU B 61 11.10 7.30 -17.04
C GLU B 61 12.46 7.44 -17.83
N ALA B 62 13.45 8.12 -17.24
CA ALA B 62 14.75 8.26 -17.91
C ALA B 62 15.29 6.84 -18.18
N THR B 63 15.05 5.92 -17.24
CA THR B 63 15.66 4.57 -17.35
C THR B 63 15.00 3.76 -18.48
N ARG B 64 13.67 3.80 -18.54
CA ARG B 64 12.85 3.20 -19.59
C ARG B 64 13.31 3.69 -20.99
N LEU B 65 13.47 4.99 -21.15
CA LEU B 65 13.90 5.57 -22.41
C LEU B 65 15.33 5.12 -22.86
N ALA B 66 16.23 4.99 -21.90
CA ALA B 66 17.59 4.54 -22.16
C ALA B 66 17.59 3.11 -22.65
N LEU B 67 16.78 2.24 -22.01
CA LEU B 67 16.66 0.86 -22.44
C LEU B 67 16.09 0.77 -23.84
N GLU B 68 15.06 1.60 -24.15
CA GLU B 68 14.51 1.63 -25.51
C GLU B 68 15.50 2.15 -26.53
N ALA B 69 16.37 3.08 -26.15
CA ALA B 69 17.42 3.51 -27.05
C ALA B 69 18.41 2.41 -27.35
N LEU B 70 18.55 1.42 -26.47
CA LEU B 70 19.50 0.30 -26.68
C LEU B 70 18.88 -0.82 -27.53
N ALA B 71 17.55 -0.87 -27.60
CA ALA B 71 16.87 -1.98 -28.27
C ALA B 71 17.33 -2.12 -29.72
N GLY B 72 17.63 -3.36 -30.10
CA GLY B 72 18.18 -3.68 -31.43
C GLY B 72 19.55 -3.17 -31.83
N LEU B 73 20.27 -2.42 -30.98
CA LEU B 73 21.60 -1.95 -31.36
C LEU B 73 22.53 -3.16 -31.32
N GLU B 74 23.29 -3.36 -32.38
CA GLU B 74 24.27 -4.42 -32.40
C GLU B 74 25.61 -3.95 -31.84
N PRO B 75 26.27 -4.78 -31.02
CA PRO B 75 27.53 -4.33 -30.46
C PRO B 75 28.61 -4.17 -31.53
N SER B 76 29.41 -3.09 -31.46
CA SER B 76 30.50 -2.87 -32.42
C SER B 76 31.68 -3.73 -32.11
N ASP B 77 31.76 -4.19 -30.86
CA ASP B 77 32.82 -5.03 -30.36
C ASP B 77 32.43 -5.63 -29.00
N ASP B 78 33.38 -6.32 -28.37
CA ASP B 78 33.11 -7.06 -27.13
C ASP B 78 32.87 -6.09 -25.95
N VAL B 79 33.43 -4.88 -26.04
CA VAL B 79 33.21 -3.86 -25.00
C VAL B 79 31.69 -3.45 -25.07
N ASP B 80 31.21 -3.17 -26.26
CA ASP B 80 29.78 -2.86 -26.47
C ASP B 80 28.86 -3.96 -25.96
N ALA B 81 29.21 -5.22 -26.26
CA ALA B 81 28.42 -6.37 -25.78
C ALA B 81 28.25 -6.38 -24.27
N VAL B 82 29.32 -6.12 -23.53
CA VAL B 82 29.22 -6.02 -22.08
C VAL B 82 28.35 -4.84 -21.70
N THR B 83 28.51 -3.71 -22.37
CA THR B 83 27.70 -2.52 -22.02
C THR B 83 26.22 -2.79 -22.19
N LEU B 84 25.85 -3.40 -23.30
CA LEU B 84 24.43 -3.72 -23.57
C LEU B 84 23.92 -4.60 -22.44
N ASP B 85 24.75 -5.57 -22.06
CA ASP B 85 24.32 -6.61 -21.16
C ASP B 85 24.16 -6.03 -19.75
N ALA B 86 25.20 -5.31 -19.32
CA ALA B 86 25.23 -4.71 -18.04
C ALA B 86 24.12 -3.68 -17.88
N MSE B 87 23.87 -2.85 -18.89
CA MSE B 87 22.84 -1.82 -18.77
C MSE B 87 21.46 -2.48 -18.71
O MSE B 87 20.59 -2.12 -17.90
CB MSE B 87 22.94 -0.74 -19.88
CG MSE B 87 24.15 0.16 -19.74
SE MSE B 87 24.10 1.64 -21.01
CE MSE B 87 22.54 2.52 -20.34
N ARG B 88 21.22 -3.44 -19.58
CA ARG B 88 19.93 -4.11 -19.57
C ARG B 88 19.63 -4.79 -18.23
N GLU B 89 20.65 -5.36 -17.60
CA GLU B 89 20.53 -6.02 -16.29
C GLU B 89 20.36 -5.04 -15.17
N ARG B 90 21.17 -4.01 -15.10
CA ARG B 90 21.07 -3.04 -14.01
C ARG B 90 19.78 -2.23 -14.16
N LEU B 91 19.57 -1.66 -15.35
CA LEU B 91 18.43 -0.77 -15.55
C LEU B 91 17.14 -1.58 -15.46
N GLY B 92 17.13 -2.75 -16.03
CA GLY B 92 15.92 -3.57 -15.97
C GLY B 92 15.51 -3.90 -14.52
N LEU B 93 16.50 -4.21 -13.69
CA LEU B 93 16.27 -4.51 -12.30
C LEU B 93 15.78 -3.26 -11.53
N GLU B 94 16.32 -2.10 -11.88
CA GLU B 94 15.88 -0.88 -11.27
C GLU B 94 14.41 -0.66 -11.54
N LEU B 95 13.95 -1.00 -12.75
CA LEU B 95 12.58 -0.74 -13.11
C LEU B 95 11.71 -1.80 -12.38
N GLU B 96 12.17 -3.04 -12.30
CA GLU B 96 11.45 -4.07 -11.50
C GLU B 96 11.27 -3.68 -10.06
N ILE B 97 12.31 -3.13 -9.43
CA ILE B 97 12.23 -2.65 -8.05
C ILE B 97 11.29 -1.45 -7.91
N HIS B 98 11.36 -0.51 -8.85
CA HIS B 98 10.40 0.59 -8.89
C HIS B 98 8.96 0.12 -8.99
N GLN B 99 8.71 -0.81 -9.89
CA GLN B 99 7.35 -1.35 -10.11
C GLN B 99 6.84 -2.09 -8.89
N SER B 100 7.76 -2.63 -8.11
CA SER B 100 7.39 -3.35 -6.87
C SER B 100 6.80 -2.46 -5.81
N GLY B 101 7.12 -1.16 -5.83
CA GLY B 101 6.64 -0.25 -4.83
C GLY B 101 7.55 -0.10 -3.60
N TRP B 102 8.45 -1.05 -3.38
CA TRP B 102 9.23 -1.12 -2.14
C TRP B 102 10.35 -0.13 -2.08
N ASP B 103 10.80 0.37 -3.25
CA ASP B 103 11.74 1.52 -3.30
C ASP B 103 11.29 2.71 -2.46
N ALA B 104 10.02 3.06 -2.55
CA ALA B 104 9.48 4.18 -1.74
C ALA B 104 9.49 3.92 -0.22
N ALA B 105 9.54 2.66 0.21
CA ALA B 105 9.57 2.31 1.63
C ALA B 105 10.98 2.20 2.19
N ASP B 106 12.00 2.37 1.34
CA ASP B 106 13.42 2.11 1.73
C ASP B 106 13.77 2.83 3.01
N LEU B 107 14.17 2.06 4.01
CA LEU B 107 14.54 2.52 5.36
C LEU B 107 15.28 1.35 6.10
N ASN B 108 16.51 1.59 6.47
CA ASN B 108 17.33 0.65 7.14
C ASN B 108 18.43 1.36 7.95
N ASN B 109 19.25 0.56 8.65
CA ASN B 109 20.21 1.14 9.60
C ASN B 109 21.50 1.62 8.96
N ILE B 110 21.63 1.56 7.62
CA ILE B 110 22.93 1.72 7.03
C ILE B 110 23.01 2.40 5.70
N ALA B 111 22.08 2.16 4.78
CA ALA B 111 22.23 2.73 3.48
C ALA B 111 20.85 3.05 2.96
N SER B 112 20.22 4.05 3.57
CA SER B 112 18.90 4.50 3.17
C SER B 112 18.93 6.05 3.21
N PRO B 113 17.89 6.73 2.72
CA PRO B 113 17.98 8.19 2.58
C PRO B 113 18.32 8.97 3.85
N ALA B 114 17.90 8.49 5.02
CA ALA B 114 18.22 9.21 6.28
C ALA B 114 19.75 9.28 6.48
N GLN B 115 20.43 8.17 6.21
CA GLN B 115 21.84 8.19 6.31
C GLN B 115 22.51 8.97 5.18
N ASP B 116 22.05 8.75 3.95
CA ASP B 116 22.67 9.36 2.77
C ASP B 116 22.63 10.89 2.80
N ILE B 117 21.51 11.44 3.25
CA ILE B 117 21.30 12.87 3.25
C ILE B 117 22.33 13.56 4.17
N ARG B 118 22.68 12.92 5.29
CA ARG B 118 23.71 13.43 6.20
C ARG B 118 25.14 13.11 5.70
N ALA B 119 25.33 11.88 5.22
CA ALA B 119 26.65 11.40 4.81
C ALA B 119 27.39 12.29 3.78
N ILE B 120 26.63 12.93 2.92
CA ILE B 120 27.15 13.73 1.83
C ILE B 120 27.99 14.90 2.32
N PHE B 121 27.68 15.40 3.52
CA PHE B 121 28.49 16.47 4.10
C PHE B 121 29.94 16.07 4.33
N ASP B 122 30.21 14.78 4.56
CA ASP B 122 31.56 14.36 4.92
C ASP B 122 32.53 14.61 3.77
N LEU B 123 32.06 14.56 2.54
CA LEU B 123 32.91 14.77 1.38
C LEU B 123 33.20 16.26 1.03
N MSE B 124 32.42 17.17 1.59
CA MSE B 124 32.56 18.60 1.26
C MSE B 124 33.78 19.27 1.89
O MSE B 124 34.03 19.14 3.08
CB MSE B 124 31.29 19.33 1.65
CG MSE B 124 30.05 18.67 1.08
SE MSE B 124 28.45 19.65 1.44
CE MSE B 124 28.75 21.22 0.31
N PRO B 125 34.55 20.00 1.08
CA PRO B 125 35.75 20.71 1.57
C PRO B 125 35.39 21.90 2.47
N THR B 126 36.38 22.39 3.22
CA THR B 126 36.17 23.38 4.26
C THR B 126 37.25 24.48 4.30
N ASP B 127 37.81 24.80 3.13
CA ASP B 127 39.01 25.68 3.06
C ASP B 127 38.75 27.12 2.65
N THR B 128 37.59 27.44 2.10
CA THR B 128 37.26 28.79 1.67
C THR B 128 35.88 29.23 2.17
N VAL B 129 35.62 30.53 2.18
CA VAL B 129 34.29 31.03 2.45
C VAL B 129 33.25 30.35 1.56
N GLU B 130 33.54 30.22 0.28
CA GLU B 130 32.61 29.58 -0.64
C GLU B 130 32.27 28.14 -0.25
N HIS B 131 33.29 27.37 0.16
CA HIS B 131 33.05 26.01 0.61
C HIS B 131 32.07 26.02 1.76
N TRP B 132 32.23 26.94 2.70
CA TRP B 132 31.26 27.01 3.80
C TRP B 132 29.87 27.56 3.39
N GLU B 133 29.80 28.43 2.40
CA GLU B 133 28.52 28.81 1.79
C GLU B 133 27.87 27.57 1.19
N HIS B 134 28.63 26.74 0.51
CA HIS B 134 28.04 25.49 -0.06
C HIS B 134 27.52 24.52 1.03
N ILE B 135 28.29 24.33 2.12
CA ILE B 135 27.85 23.55 3.28
C ILE B 135 26.56 24.13 3.90
N ALA B 136 26.55 25.42 4.16
CA ALA B 136 25.38 26.14 4.68
C ALA B 136 24.19 26.02 3.73
N GLY B 137 24.46 26.15 2.43
CA GLY B 137 23.44 26.01 1.40
C GLY B 137 22.84 24.61 1.34
N ARG B 138 23.71 23.62 1.45
CA ARG B 138 23.23 22.24 1.45
C ARG B 138 22.42 21.95 2.74
N ALA B 139 22.91 22.40 3.91
CA ALA B 139 22.15 22.25 5.18
C ALA B 139 20.75 22.83 5.02
N ALA B 140 20.62 23.93 4.29
CA ALA B 140 19.36 24.66 4.12
C ALA B 140 18.43 23.90 3.14
N ASN B 141 19.05 23.00 2.36
CA ASN B 141 18.34 22.07 1.47
C ASN B 141 17.98 20.73 2.09
N VAL B 142 18.49 20.43 3.27
CA VAL B 142 18.08 19.20 4.00
C VAL B 142 16.54 19.08 4.18
N PRO B 143 15.85 20.16 4.62
CA PRO B 143 14.41 20.02 4.80
C PRO B 143 13.68 19.53 3.51
N GLY B 144 14.07 20.08 2.37
CA GLY B 144 13.48 19.70 1.09
C GLY B 144 13.74 18.22 0.77
N ALA B 145 14.93 17.75 1.11
CA ALA B 145 15.29 16.32 0.87
C ALA B 145 14.49 15.41 1.78
N ILE B 146 14.43 15.78 3.05
CA ILE B 146 13.66 15.02 4.04
C ILE B 146 12.15 14.98 3.74
N GLU B 147 11.59 16.13 3.35
CA GLU B 147 10.20 16.23 3.03
C GLU B 147 9.86 15.26 1.90
N GLY B 148 10.68 15.25 0.85
CA GLY B 148 10.47 14.32 -0.26
C GLY B 148 10.59 12.88 0.19
N TYR B 149 11.52 12.57 1.08
CA TYR B 149 11.66 11.16 1.55
C TYR B 149 10.39 10.78 2.32
N ILE B 150 9.89 11.68 3.17
CA ILE B 150 8.67 11.42 3.94
C ILE B 150 7.50 11.18 2.95
N ALA B 151 7.40 12.02 1.91
CA ALA B 151 6.35 11.83 0.89
C ALA B 151 6.41 10.42 0.29
N SER B 152 7.62 9.86 0.03
CA SER B 152 7.74 8.47 -0.48
C SER B 152 7.32 7.45 0.59
N LEU B 153 7.77 7.64 1.81
CA LEU B 153 7.41 6.73 2.91
C LEU B 153 5.89 6.72 3.13
N ARG B 154 5.30 7.93 3.06
CA ARG B 154 3.91 8.08 3.21
C ARG B 154 3.14 7.43 2.06
N ALA B 155 3.59 7.62 0.80
CA ALA B 155 2.92 6.90 -0.33
C ALA B 155 3.01 5.41 -0.17
N ALA B 156 4.18 4.94 0.25
CA ALA B 156 4.36 3.51 0.41
C ALA B 156 3.46 2.99 1.51
N LYS B 157 3.44 3.71 2.59
CA LYS B 157 2.55 3.37 3.70
C LYS B 157 1.10 3.25 3.26
N ASP B 158 0.63 4.18 2.45
CA ASP B 158 -0.73 4.13 1.94
C ASP B 158 -1.02 2.90 1.12
N ASP B 159 0.03 2.38 0.47
CA ASP B 159 -0.08 1.15 -0.31
C ASP B 159 0.39 -0.09 0.51
N ARG B 160 0.35 0.00 1.84
CA ARG B 160 0.69 -1.12 2.77
C ARG B 160 2.10 -1.68 2.63
N LYS B 161 3.04 -0.81 2.37
CA LYS B 161 4.47 -1.17 2.23
C LYS B 161 5.25 -0.30 3.20
N VAL B 162 5.61 -0.92 4.34
CA VAL B 162 6.31 -0.27 5.45
C VAL B 162 7.45 -1.14 5.91
N ALA B 163 8.61 -0.51 6.13
CA ALA B 163 9.77 -1.17 6.68
C ALA B 163 9.43 -1.77 8.09
N ALA B 164 10.15 -2.83 8.44
CA ALA B 164 10.03 -3.48 9.76
C ALA B 164 10.15 -2.46 10.88
N ALA B 165 9.37 -2.67 11.95
CA ALA B 165 9.37 -1.81 13.14
C ALA B 165 10.76 -1.59 13.73
N ARG B 166 11.55 -2.66 13.77
CA ARG B 166 12.95 -2.60 14.27
C ARG B 166 13.77 -1.54 13.57
N GLN B 167 13.67 -1.50 12.25
CA GLN B 167 14.43 -0.59 11.42
C GLN B 167 13.96 0.86 11.65
N ILE B 168 12.65 1.05 11.77
CA ILE B 168 12.10 2.37 12.04
C ILE B 168 12.62 2.92 13.38
N ARG B 169 12.62 2.08 14.41
CA ARG B 169 13.14 2.46 15.68
C ARG B 169 14.58 2.81 15.56
N ILE B 170 15.35 2.06 14.78
CA ILE B 170 16.79 2.39 14.70
C ILE B 170 17.01 3.77 14.10
N VAL B 171 16.25 4.10 13.06
CA VAL B 171 16.41 5.37 12.34
C VAL B 171 15.86 6.50 13.17
N ILE B 172 14.79 6.25 13.92
CA ILE B 172 14.42 7.25 14.90
C ILE B 172 15.62 7.51 15.84
N GLU B 173 16.29 6.50 16.38
CA GLU B 173 17.47 6.74 17.29
C GLU B 173 18.60 7.50 16.58
N GLN B 174 18.92 7.09 15.36
CA GLN B 174 20.10 7.61 14.65
C GLN B 174 19.86 9.09 14.34
N THR B 175 18.64 9.41 13.91
CA THR B 175 18.35 10.76 13.46
C THR B 175 18.16 11.69 14.65
N GLY B 176 17.71 11.14 15.77
CA GLY B 176 17.65 11.90 16.98
C GLY B 176 19.01 12.41 17.36
N ARG B 177 20.03 11.58 17.16
CA ARG B 177 21.41 12.05 17.42
C ARG B 177 21.80 13.13 16.41
N TYR B 178 21.48 12.93 15.14
CA TYR B 178 21.83 13.96 14.11
C TYR B 178 21.29 15.34 14.49
N ALA B 179 20.12 15.38 15.13
CA ALA B 179 19.36 16.59 15.41
C ALA B 179 19.59 17.15 16.84
N ALA B 180 20.33 16.42 17.67
CA ALA B 180 20.55 16.80 19.08
C ALA B 180 21.42 18.04 19.25
N GLU B 181 21.39 18.61 20.46
CA GLU B 181 22.18 19.82 20.79
C GLU B 181 23.68 19.73 20.59
N ASP B 182 24.25 18.54 20.77
CA ASP B 182 25.66 18.30 20.47
C ASP B 182 25.74 17.19 19.41
N GLY B 183 24.75 17.14 18.52
CA GLY B 183 24.73 16.19 17.41
C GLY B 183 25.49 16.72 16.20
N PHE B 184 25.50 15.95 15.12
CA PHE B 184 26.25 16.28 13.91
C PHE B 184 26.06 17.73 13.43
N PHE B 185 24.84 18.12 13.19
CA PHE B 185 24.58 19.46 12.66
C PHE B 185 24.89 20.61 13.64
N ALA B 186 24.57 20.43 14.93
CA ALA B 186 24.89 21.36 15.97
C ALA B 186 26.40 21.61 16.00
N LYS B 187 27.18 20.52 16.00
CA LYS B 187 28.62 20.59 16.07
C LYS B 187 29.24 21.11 14.81
N MSE B 188 28.68 20.76 13.67
CA MSE B 188 29.18 21.34 12.41
C MSE B 188 29.25 22.87 12.46
O MSE B 188 30.28 23.45 12.07
CB MSE B 188 28.30 20.91 11.24
CG MSE B 188 28.27 21.87 10.02
SE MSE B 188 27.16 21.06 8.57
CE MSE B 188 28.70 19.94 8.14
N ALA B 189 28.17 23.51 12.93
CA ALA B 189 28.10 24.98 12.99
C ALA B 189 28.97 25.48 14.12
N ALA B 190 28.85 24.87 15.29
CA ALA B 190 29.64 25.27 16.46
C ALA B 190 31.16 25.13 16.28
N ASP B 191 31.61 24.09 15.60
CA ASP B 191 33.06 23.84 15.50
C ASP B 191 33.64 24.22 14.17
N ALA B 192 32.80 24.76 13.25
CA ALA B 192 33.25 25.20 11.94
C ALA B 192 34.47 26.06 12.05
N SER B 193 35.40 25.83 11.15
CA SER B 193 36.57 26.64 11.10
C SER B 193 37.10 26.72 9.68
N LEU B 194 37.73 27.84 9.45
CA LEU B 194 38.32 28.15 8.20
C LEU B 194 39.73 28.44 8.53
N GLY B 195 40.65 27.70 7.90
CA GLY B 195 42.06 27.76 8.26
C GLY B 195 42.14 26.91 9.53
N ASP B 196 42.20 27.59 10.68
CA ASP B 196 41.92 26.99 12.01
C ASP B 196 41.40 28.16 12.90
N ALA B 197 40.39 28.87 12.38
CA ALA B 197 39.80 30.09 12.98
C ALA B 197 38.28 29.94 12.92
N PRO B 198 37.52 30.62 13.82
CA PRO B 198 36.06 30.62 13.53
C PRO B 198 35.82 31.25 12.13
N LEU B 199 34.69 30.92 11.53
CA LEU B 199 34.38 31.46 10.19
C LEU B 199 34.18 32.95 10.32
N PRO B 200 34.28 33.71 9.21
CA PRO B 200 33.73 35.07 9.19
C PRO B 200 32.27 35.11 9.58
N ALA B 201 31.85 36.24 10.15
CA ALA B 201 30.54 36.38 10.75
C ALA B 201 29.42 36.06 9.73
N GLU B 202 29.53 36.53 8.49
CA GLU B 202 28.38 36.45 7.57
C GLU B 202 28.10 35.02 7.19
N VAL B 203 29.16 34.28 6.87
CA VAL B 203 28.97 32.89 6.47
C VAL B 203 28.66 32.04 7.71
N GLN B 204 29.17 32.42 8.87
CA GLN B 204 28.78 31.70 10.07
C GLN B 204 27.27 31.79 10.24
N ASP B 205 26.69 32.99 10.06
CA ASP B 205 25.26 33.12 10.20
C ASP B 205 24.50 32.24 9.18
N LYS B 206 24.99 32.12 7.94
CA LYS B 206 24.28 31.26 6.99
C LYS B 206 24.35 29.84 7.47
N LEU B 207 25.50 29.45 8.01
CA LEU B 207 25.68 28.09 8.49
C LEU B 207 24.82 27.75 9.70
N ASP B 208 24.69 28.67 10.63
CA ASP B 208 23.80 28.51 11.77
C ASP B 208 22.39 28.33 11.27
N ALA B 209 21.95 29.15 10.33
CA ALA B 209 20.57 29.07 9.84
C ALA B 209 20.31 27.70 9.13
N GLY B 210 21.27 27.30 8.30
CA GLY B 210 21.13 26.05 7.51
C GLY B 210 21.15 24.84 8.40
N THR B 211 22.14 24.76 9.30
CA THR B 211 22.23 23.67 10.24
C THR B 211 20.99 23.57 11.18
N SER B 212 20.43 24.71 11.57
CA SER B 212 19.22 24.73 12.43
C SER B 212 18.05 24.18 11.66
N ALA B 213 17.93 24.56 10.39
CA ALA B 213 16.94 23.97 9.48
C ALA B 213 17.16 22.50 9.34
N ALA B 214 18.42 22.09 9.23
CA ALA B 214 18.68 20.65 9.06
C ALA B 214 18.31 19.83 10.33
N ARG B 215 18.57 20.41 11.51
CA ARG B 215 18.17 19.80 12.76
C ARG B 215 16.64 19.67 12.86
N SER B 216 15.92 20.73 12.51
CA SER B 216 14.45 20.69 12.59
C SER B 216 13.93 19.64 11.62
N ALA B 217 14.58 19.49 10.50
CA ALA B 217 14.07 18.50 9.51
C ALA B 217 14.24 17.10 10.02
N TYR B 218 15.39 16.81 10.59
CA TYR B 218 15.62 15.47 11.08
C TYR B 218 14.70 15.15 12.29
N SER B 219 14.44 16.17 13.13
CA SER B 219 13.43 16.05 14.19
C SER B 219 12.03 15.77 13.63
N ALA B 220 11.69 16.38 12.50
CA ALA B 220 10.37 16.16 11.84
C ALA B 220 10.34 14.75 11.31
N LEU B 221 11.47 14.29 10.80
CA LEU B 221 11.51 12.93 10.29
C LEU B 221 11.25 11.96 11.48
N GLY B 222 11.99 12.12 12.57
CA GLY B 222 11.72 11.32 13.75
C GLY B 222 10.25 11.34 14.18
N ALA B 223 9.60 12.51 14.08
CA ALA B 223 8.23 12.67 14.56
C ALA B 223 7.30 11.84 13.65
N PHE B 224 7.53 11.94 12.34
CA PHE B 224 6.77 11.20 11.32
C PHE B 224 6.91 9.69 11.53
N LEU B 225 8.14 9.26 11.68
CA LEU B 225 8.44 7.84 11.86
C LEU B 225 7.76 7.34 13.11
N ARG B 226 7.88 8.11 14.20
CA ARG B 226 7.23 7.69 15.45
C ARG B 226 5.69 7.69 15.38
N ASP B 227 5.12 8.77 14.87
CA ASP B 227 3.70 9.04 15.02
C ASP B 227 2.90 8.42 13.91
N GLU B 228 3.46 8.32 12.71
CA GLU B 228 2.73 7.87 11.54
C GLU B 228 3.16 6.48 11.03
N LEU B 229 4.48 6.20 10.94
CA LEU B 229 4.94 5.00 10.29
C LEU B 229 4.98 3.85 11.27
N LEU B 230 5.64 4.04 12.39
CA LEU B 230 5.81 2.95 13.38
C LEU B 230 4.51 2.24 13.80
N PRO B 231 3.42 2.99 14.05
CA PRO B 231 2.17 2.33 14.41
C PRO B 231 1.65 1.27 13.42
N VAL B 232 1.99 1.39 12.14
CA VAL B 232 1.51 0.46 11.13
C VAL B 232 2.64 -0.44 10.56
N ALA B 233 3.83 -0.39 11.15
CA ALA B 233 4.96 -1.13 10.65
C ALA B 233 4.81 -2.59 11.05
N PRO B 234 5.26 -3.54 10.21
CA PRO B 234 5.21 -4.92 10.67
C PRO B 234 6.26 -5.19 11.75
N GLU B 235 5.89 -6.03 12.74
CA GLU B 235 6.79 -6.62 13.71
C GLU B 235 7.81 -7.56 13.04
N LYS B 236 7.35 -8.32 12.07
CA LYS B 236 8.20 -9.31 11.39
C LYS B 236 9.28 -8.65 10.59
N ASP B 237 10.51 -9.13 10.77
CA ASP B 237 11.66 -8.58 10.05
C ASP B 237 11.84 -9.17 8.66
N ALA B 238 11.49 -10.45 8.50
CA ALA B 238 11.71 -11.13 7.25
C ALA B 238 10.94 -10.47 6.10
N VAL B 239 11.62 -10.20 4.97
CA VAL B 239 11.05 -9.53 3.84
C VAL B 239 10.37 -10.48 2.86
N GLY B 240 10.65 -11.75 3.01
CA GLY B 240 10.10 -12.76 2.11
C GLY B 240 10.73 -12.85 0.73
N ARG B 241 10.36 -13.90 0.02
CA ARG B 241 11.08 -14.33 -1.14
C ARG B 241 11.06 -13.29 -2.30
N GLU B 242 9.90 -12.71 -2.55
CA GLU B 242 9.76 -11.87 -3.76
C GLU B 242 10.67 -10.67 -3.62
N ARG B 243 10.61 -10.01 -2.47
CA ARG B 243 11.43 -8.85 -2.17
C ARG B 243 12.90 -9.26 -2.07
N TYR B 244 13.14 -10.41 -1.48
CA TYR B 244 14.50 -10.84 -1.21
C TYR B 244 15.21 -11.07 -2.57
N SER B 245 14.48 -11.66 -3.51
CA SER B 245 15.11 -11.98 -4.79
C SER B 245 15.52 -10.73 -5.57
N LEU B 246 14.73 -9.67 -5.51
CA LEU B 246 15.15 -8.43 -6.18
C LEU B 246 16.34 -7.79 -5.46
N ALA B 247 16.28 -7.75 -4.14
CA ALA B 247 17.36 -7.15 -3.36
C ALA B 247 18.69 -7.92 -3.63
N SER B 248 18.60 -9.23 -3.57
CA SER B 248 19.72 -10.13 -3.86
C SER B 248 20.29 -9.83 -5.26
N ARG B 249 19.44 -9.75 -6.27
CA ARG B 249 19.89 -9.33 -7.58
C ARG B 249 20.63 -7.99 -7.53
N SER B 250 20.15 -7.04 -6.72
CA SER B 250 20.83 -5.72 -6.65
C SER B 250 22.30 -5.88 -6.26
N PHE B 251 22.59 -6.77 -5.32
CA PHE B 251 23.92 -6.90 -4.76
C PHE B 251 24.80 -7.90 -5.53
N ILE B 252 24.18 -8.81 -6.29
CA ILE B 252 24.95 -9.92 -6.93
C ILE B 252 24.95 -9.79 -8.46
N GLY B 253 23.87 -9.25 -9.01
CA GLY B 253 23.72 -9.19 -10.44
C GLY B 253 23.60 -10.56 -11.07
N ALA B 254 23.04 -11.50 -10.30
CA ALA B 254 22.57 -12.80 -10.76
C ALA B 254 21.36 -13.11 -9.93
N GLU B 255 20.44 -13.88 -10.51
CA GLU B 255 19.23 -14.31 -9.86
C GLU B 255 19.42 -15.77 -9.43
N VAL B 256 19.93 -15.99 -8.25
CA VAL B 256 20.32 -17.33 -7.79
C VAL B 256 19.06 -18.12 -7.33
N ASP B 257 19.18 -19.43 -7.28
CA ASP B 257 18.16 -20.25 -6.68
C ASP B 257 18.45 -20.11 -5.21
N LEU B 258 17.54 -19.46 -4.49
CA LEU B 258 17.77 -19.05 -3.11
C LEU B 258 17.86 -20.27 -2.22
N GLU B 259 16.99 -21.25 -2.41
CA GLU B 259 17.03 -22.43 -1.57
C GLU B 259 18.27 -23.26 -1.81
N GLU B 260 18.64 -23.46 -3.07
CA GLU B 260 19.87 -24.15 -3.37
C GLU B 260 21.09 -23.41 -2.83
N THR B 261 21.06 -22.09 -2.88
CA THR B 261 22.17 -21.28 -2.38
C THR B 261 22.26 -21.34 -0.83
N TYR B 262 21.10 -21.31 -0.20
CA TYR B 262 21.03 -21.55 1.23
C TYR B 262 21.63 -22.88 1.56
N ALA B 263 21.19 -23.96 0.91
CA ALA B 263 21.77 -25.31 1.13
C ALA B 263 23.29 -25.36 0.89
N TRP B 264 23.76 -24.71 -0.17
CA TRP B 264 25.20 -24.57 -0.42
C TRP B 264 25.91 -23.89 0.73
N GLY B 265 25.34 -22.80 1.25
CA GLY B 265 25.96 -22.03 2.31
C GLY B 265 26.03 -22.76 3.63
N VAL B 266 25.02 -23.56 3.93
CA VAL B 266 25.01 -24.43 5.14
C VAL B 266 26.17 -25.42 5.04
N GLN B 267 26.33 -26.03 3.87
CA GLN B 267 27.42 -27.02 3.70
C GLN B 267 28.82 -26.37 3.71
N GLU B 268 28.91 -25.18 3.14
CA GLU B 268 30.17 -24.44 3.04
C GLU B 268 30.60 -24.00 4.40
N LEU B 269 29.66 -23.53 5.22
CA LEU B 269 29.97 -23.16 6.61
C LEU B 269 30.50 -24.40 7.37
N GLU B 270 29.80 -25.53 7.23
CA GLU B 270 30.25 -26.78 7.86
C GLU B 270 31.65 -27.22 7.42
N ARG B 271 31.94 -27.12 6.11
CA ARG B 271 33.24 -27.41 5.57
C ARG B 271 34.28 -26.52 6.21
N LEU B 272 33.98 -25.24 6.29
CA LEU B 272 34.94 -24.29 6.85
C LEU B 272 35.26 -24.51 8.36
N ILE B 273 34.25 -24.85 9.15
CA ILE B 273 34.45 -25.25 10.52
C ILE B 273 35.36 -26.48 10.57
N SER B 274 35.17 -27.44 9.66
CA SER B 274 36.01 -28.65 9.67
C SER B 274 37.45 -28.24 9.44
N GLU B 275 37.63 -27.34 8.48
CA GLU B 275 38.97 -26.90 8.13
C GLU B 275 39.62 -26.20 9.31
N GLN B 276 38.86 -25.39 10.00
CA GLN B 276 39.39 -24.71 11.20
C GLN B 276 39.85 -25.71 12.30
N GLU B 277 39.08 -26.78 12.47
CA GLU B 277 39.39 -27.81 13.45
C GLU B 277 40.70 -28.48 13.07
N LYS B 278 40.95 -28.68 11.78
CA LYS B 278 42.25 -29.22 11.35
C LYS B 278 43.38 -28.26 11.64
N VAL B 279 43.17 -26.97 11.35
CA VAL B 279 44.21 -26.00 11.50
C VAL B 279 44.53 -25.84 12.99
N ALA B 280 43.50 -25.93 13.85
CA ALA B 280 43.70 -25.92 15.30
C ALA B 280 44.72 -26.99 15.76
N GLY B 281 44.66 -28.19 15.17
CA GLY B 281 45.57 -29.28 15.46
C GLY B 281 46.97 -29.02 14.96
N GLN B 282 47.09 -28.22 13.90
CA GLN B 282 48.40 -27.83 13.40
C GLN B 282 49.01 -26.81 14.32
N ILE B 283 48.19 -26.14 15.12
CA ILE B 283 48.68 -25.14 16.06
C ILE B 283 49.09 -25.82 17.36
N LYS B 284 48.25 -26.72 17.86
CA LYS B 284 48.62 -27.57 19.00
C LYS B 284 47.87 -28.86 18.83
N PRO B 285 48.58 -30.02 18.84
CA PRO B 285 47.84 -31.24 18.57
C PRO B 285 46.63 -31.45 19.46
N GLY B 286 45.51 -31.82 18.88
CA GLY B 286 44.31 -32.04 19.67
C GLY B 286 43.59 -30.78 20.15
N ALA B 287 44.12 -29.59 19.87
CA ALA B 287 43.47 -28.36 20.36
C ALA B 287 42.12 -28.11 19.69
N SER B 288 41.17 -27.60 20.47
CA SER B 288 39.98 -26.98 19.90
C SER B 288 40.33 -25.66 19.19
N ILE B 289 39.41 -25.17 18.38
CA ILE B 289 39.63 -23.89 17.67
C ILE B 289 39.87 -22.75 18.64
N GLU B 290 39.11 -22.71 19.73
CA GLU B 290 39.25 -21.66 20.73
C GLU B 290 40.63 -21.77 21.46
N GLU B 291 41.04 -22.98 21.78
CA GLU B 291 42.36 -23.16 22.40
C GLU B 291 43.49 -22.67 21.50
N ALA B 292 43.43 -23.04 20.23
CA ALA B 292 44.40 -22.62 19.24
C ALA B 292 44.44 -21.11 19.08
N LYS B 293 43.27 -20.46 19.09
CA LYS B 293 43.19 -19.02 18.97
C LYS B 293 43.83 -18.31 20.17
N SER B 294 43.71 -18.89 21.36
CA SER B 294 44.31 -18.29 22.51
C SER B 294 45.85 -18.43 22.42
N ILE B 295 46.32 -19.54 21.87
CA ILE B 295 47.74 -19.72 21.60
C ILE B 295 48.23 -18.64 20.63
N LEU B 296 47.49 -18.47 19.53
CA LEU B 296 47.85 -17.46 18.50
C LEU B 296 47.87 -16.05 19.05
N ASN B 297 46.83 -15.72 19.80
CA ASN B 297 46.72 -14.37 20.39
C ASN B 297 47.70 -14.06 21.54
N ASN B 298 48.35 -15.08 22.07
CA ASN B 298 49.23 -14.90 23.24
C ASN B 298 50.68 -15.19 22.95
N ASP B 299 50.94 -15.59 21.73
CA ASP B 299 52.29 -15.86 21.29
C ASP B 299 52.98 -14.52 20.86
N PRO B 300 54.09 -14.13 21.50
CA PRO B 300 54.82 -12.88 21.16
C PRO B 300 55.17 -12.67 19.68
N ALA B 301 55.56 -13.75 19.02
CA ALA B 301 56.08 -13.69 17.64
C ALA B 301 55.02 -13.24 16.66
N ARG B 302 53.77 -13.19 17.11
CA ARG B 302 52.66 -12.79 16.27
C ARG B 302 52.17 -11.40 16.60
N GLN B 303 52.91 -10.71 17.46
CA GLN B 303 52.64 -9.31 17.79
C GLN B 303 53.79 -8.46 17.29
N ILE B 304 53.45 -7.31 16.75
CA ILE B 304 54.43 -6.36 16.23
C ILE B 304 54.28 -5.04 17.00
N LYS B 305 55.42 -4.51 17.46
CA LYS B 305 55.45 -3.35 18.36
C LYS B 305 55.65 -2.09 17.52
N GLY B 306 54.63 -1.22 17.52
CA GLY B 306 54.69 0.06 16.81
C GLY B 306 54.19 0.04 15.37
N THR B 307 53.82 1.23 14.87
CA THR B 307 53.24 1.33 13.56
C THR B 307 54.25 1.33 12.41
N ASP B 308 55.49 1.73 12.65
CA ASP B 308 56.50 1.66 11.61
C ASP B 308 56.68 0.21 11.15
N ALA B 309 56.79 -0.69 12.14
CA ALA B 309 56.95 -2.11 11.91
C ALA B 309 55.67 -2.76 11.31
N LEU B 310 54.49 -2.29 11.74
CA LEU B 310 53.22 -2.68 11.11
C LEU B 310 53.21 -2.35 9.61
N LYS B 311 53.58 -1.11 9.25
CA LYS B 311 53.62 -0.70 7.85
C LYS B 311 54.57 -1.63 7.12
N ALA B 312 55.72 -1.89 7.72
CA ALA B 312 56.77 -2.67 7.03
C ALA B 312 56.28 -4.10 6.80
N TRP B 313 55.56 -4.64 7.78
CA TRP B 313 54.98 -5.96 7.64
C TRP B 313 53.98 -6.01 6.49
N MSE B 314 53.02 -5.10 6.49
CA MSE B 314 52.07 -4.98 5.39
C MSE B 314 52.78 -4.78 4.06
O MSE B 314 52.39 -5.36 3.07
CB MSE B 314 51.11 -3.78 5.58
CG MSE B 314 49.95 -3.99 6.49
SE MSE B 314 48.72 -2.40 6.28
CE MSE B 314 49.88 -1.24 7.16
N GLN B 315 53.78 -3.92 4.02
CA GLN B 315 54.44 -3.56 2.76
C GLN B 315 55.23 -4.71 2.15
N GLU B 316 55.87 -5.48 3.01
CA GLU B 316 56.66 -6.64 2.55
C GLU B 316 55.74 -7.70 1.98
N LEU B 317 54.62 -7.96 2.67
CA LEU B 317 53.61 -8.92 2.16
C LEU B 317 53.09 -8.50 0.76
N SER B 318 52.68 -7.24 0.67
CA SER B 318 52.12 -6.68 -0.57
C SER B 318 53.18 -6.73 -1.67
N ASP B 319 54.39 -6.26 -1.39
CA ASP B 319 55.43 -6.29 -2.40
C ASP B 319 55.80 -7.72 -2.85
N ARG B 320 55.80 -8.65 -1.89
CA ARG B 320 56.06 -10.04 -2.24
C ARG B 320 54.95 -10.63 -3.09
N ALA B 321 53.67 -10.41 -2.74
CA ALA B 321 52.59 -10.84 -3.60
C ALA B 321 52.76 -10.28 -5.01
N VAL B 322 53.07 -8.99 -5.11
CA VAL B 322 53.17 -8.39 -6.44
C VAL B 322 54.31 -9.09 -7.20
N SER B 323 55.49 -9.17 -6.58
CA SER B 323 56.62 -9.67 -7.31
C SER B 323 56.47 -11.13 -7.70
N GLU B 324 55.81 -11.96 -6.90
CA GLU B 324 55.68 -13.40 -7.23
C GLU B 324 54.51 -13.71 -8.22
N LEU B 325 53.48 -12.91 -8.19
CA LEU B 325 52.32 -13.09 -9.06
C LEU B 325 52.51 -12.45 -10.42
N ALA B 326 53.20 -11.29 -10.48
CA ALA B 326 53.43 -10.58 -11.76
C ALA B 326 53.99 -11.48 -12.86
N ASP B 327 53.30 -11.47 -13.98
CA ASP B 327 53.63 -12.23 -15.17
C ASP B 327 53.61 -13.75 -14.93
N VAL B 328 52.99 -14.20 -13.84
CA VAL B 328 52.78 -15.61 -13.62
C VAL B 328 51.28 -15.84 -13.59
N HIS B 329 50.60 -15.18 -12.64
CA HIS B 329 49.18 -15.36 -12.47
C HIS B 329 48.34 -14.16 -12.89
N PHE B 330 48.97 -12.99 -12.97
CA PHE B 330 48.31 -11.74 -13.36
C PHE B 330 49.28 -10.89 -14.20
N ASP B 331 48.71 -10.08 -15.08
CA ASP B 331 49.43 -9.02 -15.73
C ASP B 331 49.37 -7.79 -14.79
N ILE B 332 50.52 -7.32 -14.30
CA ILE B 332 50.57 -6.16 -13.40
C ILE B 332 51.49 -5.11 -14.02
N PRO B 333 50.90 -4.14 -14.73
CA PRO B 333 51.72 -3.06 -15.33
C PRO B 333 52.59 -2.41 -14.27
N ASP B 334 53.76 -1.92 -14.65
CA ASP B 334 54.65 -1.25 -13.68
C ASP B 334 53.98 -0.21 -12.77
N VAL B 335 53.11 0.65 -13.28
CA VAL B 335 52.47 1.64 -12.39
C VAL B 335 51.56 0.98 -11.38
N MSE B 336 51.09 -0.23 -11.70
CA MSE B 336 50.19 -0.93 -10.81
C MSE B 336 50.94 -1.71 -9.72
O MSE B 336 50.30 -2.17 -8.75
CB MSE B 336 49.32 -1.89 -11.61
CG MSE B 336 48.18 -2.46 -10.84
SE MSE B 336 47.08 -3.68 -11.86
CE MSE B 336 46.54 -2.58 -13.29
N LYS B 337 52.24 -1.90 -9.92
CA LYS B 337 53.00 -2.70 -8.97
C LYS B 337 53.21 -2.01 -7.60
N THR B 338 53.03 -0.69 -7.54
CA THR B 338 53.10 0.05 -6.27
C THR B 338 51.76 -0.07 -5.50
N LEU B 339 51.79 -0.71 -4.34
CA LEU B 339 50.70 -0.59 -3.41
C LEU B 339 51.26 -0.06 -2.10
N GLU B 340 51.01 1.20 -1.82
CA GLU B 340 51.66 1.81 -0.65
C GLU B 340 50.83 1.54 0.59
N CYS B 341 51.51 1.02 1.61
CA CYS B 341 50.89 0.60 2.85
C CYS B 341 51.06 1.68 3.93
N MSE B 342 49.92 2.10 4.47
CA MSE B 342 49.83 3.35 5.21
C MSE B 342 49.02 3.16 6.50
O MSE B 342 48.24 2.20 6.60
CB MSE B 342 49.07 4.42 4.40
CG MSE B 342 49.54 4.55 2.95
SE MSE B 342 51.23 5.46 3.00
CE MSE B 342 50.60 7.33 3.15
N ILE B 343 49.19 4.10 7.43
CA ILE B 343 48.34 4.19 8.64
C ILE B 343 47.19 5.18 8.34
N ALA B 344 45.95 4.80 8.68
CA ALA B 344 44.79 5.63 8.44
C ALA B 344 44.81 6.82 9.37
N PRO B 345 44.41 8.00 8.89
CA PRO B 345 44.36 9.17 9.79
C PRO B 345 43.35 8.94 10.92
N THR B 346 42.21 8.33 10.60
CA THR B 346 41.10 8.19 11.54
C THR B 346 40.94 6.69 11.85
N ASP B 347 40.36 6.36 13.01
CA ASP B 347 40.37 4.98 13.58
C ASP B 347 39.05 4.21 13.41
N GLY B 350 39.56 -0.90 10.82
CA GLY B 350 40.15 -2.00 10.05
C GLY B 350 41.10 -1.56 8.92
N ILE B 351 41.28 -2.43 7.95
CA ILE B 351 42.09 -2.12 6.79
C ILE B 351 41.16 -1.76 5.63
N TYR B 352 41.45 -0.64 4.95
CA TYR B 352 40.74 -0.32 3.74
C TYR B 352 41.67 0.06 2.60
N TYR B 353 41.12 0.00 1.40
CA TYR B 353 41.86 0.22 0.17
C TYR B 353 41.40 1.50 -0.53
N THR B 354 42.32 2.27 -1.11
CA THR B 354 41.97 3.41 -1.99
C THR B 354 42.67 3.20 -3.35
N GLY B 355 41.90 3.15 -4.41
CA GLY B 355 42.45 2.89 -5.73
C GLY B 355 43.33 4.04 -6.23
N PRO B 356 44.13 3.75 -7.27
CA PRO B 356 44.98 4.77 -7.87
C PRO B 356 44.14 5.84 -8.51
N SER B 357 44.78 6.99 -8.70
CA SER B 357 44.22 8.01 -9.52
C SER B 357 44.15 7.49 -10.96
N ASP B 358 43.29 8.12 -11.76
CA ASP B 358 43.03 7.70 -13.13
C ASP B 358 44.33 7.68 -13.97
N ASP B 359 45.24 8.61 -13.69
CA ASP B 359 46.47 8.72 -14.44
C ASP B 359 47.61 7.97 -13.78
N PHE B 360 47.33 7.33 -12.63
CA PHE B 360 48.27 6.49 -11.88
C PHE B 360 49.39 7.29 -11.21
N SER B 361 49.25 8.63 -11.22
CA SER B 361 50.18 9.50 -10.46
C SER B 361 50.03 9.30 -8.95
N ARG B 362 48.85 8.92 -8.53
CA ARG B 362 48.64 8.46 -7.16
C ARG B 362 48.46 6.95 -7.24
N PRO B 363 49.34 6.22 -6.57
CA PRO B 363 49.21 4.77 -6.57
C PRO B 363 48.07 4.31 -5.67
N GLY B 364 47.65 3.07 -5.84
CA GLY B 364 46.73 2.46 -4.88
C GLY B 364 47.39 2.43 -3.51
N ARG B 365 46.60 2.48 -2.45
CA ARG B 365 47.11 2.47 -1.10
C ARG B 365 46.20 1.64 -0.25
N MSE B 366 46.76 1.12 0.83
CA MSE B 366 46.00 0.34 1.79
C MSE B 366 46.28 0.94 3.13
O MSE B 366 47.42 1.34 3.42
CB MSE B 366 46.45 -1.13 1.75
CG MSE B 366 45.58 -2.09 2.47
SE MSE B 366 46.36 -3.88 2.12
CE MSE B 366 47.86 -3.61 3.20
N TRP B 367 45.23 1.10 3.93
CA TRP B 367 45.37 1.89 5.13
C TRP B 367 44.98 1.05 6.30
N TRP B 368 45.82 1.03 7.32
CA TRP B 368 45.53 0.25 8.52
C TRP B 368 45.01 1.24 9.54
N SER B 369 43.81 1.00 10.05
CA SER B 369 43.22 1.91 11.00
C SER B 369 43.59 1.46 12.43
N VAL B 370 44.35 2.29 13.14
CA VAL B 370 44.85 2.00 14.49
C VAL B 370 43.85 2.59 15.53
N PRO B 371 43.30 1.74 16.42
CA PRO B 371 42.39 2.26 17.46
C PRO B 371 43.14 3.13 18.46
N ALA B 372 42.44 4.09 19.05
CA ALA B 372 43.02 4.98 20.05
C ALA B 372 43.96 4.23 21.01
N GLY B 373 45.11 4.84 21.23
CA GLY B 373 46.10 4.36 22.16
C GLY B 373 46.44 2.90 22.13
N GLU B 374 46.30 2.29 20.97
CA GLU B 374 46.82 0.97 20.78
C GLU B 374 48.11 1.06 20.02
N ASP B 375 48.97 0.11 20.30
CA ASP B 375 50.37 0.25 20.07
C ASP B 375 51.06 -1.04 19.67
N THR B 376 50.39 -2.15 19.89
CA THR B 376 50.86 -3.47 19.57
C THR B 376 49.82 -4.09 18.66
N PHE B 377 50.28 -4.86 17.70
CA PHE B 377 49.36 -5.37 16.69
C PHE B 377 49.55 -6.82 16.50
N THR B 378 48.43 -7.51 16.34
CA THR B 378 48.42 -8.94 16.17
C THR B 378 48.14 -9.27 14.70
N THR B 379 49.04 -10.04 14.12
CA THR B 379 49.16 -10.18 12.66
C THR B 379 48.39 -11.37 11.97
N TRP B 380 48.26 -12.51 12.67
CA TRP B 380 47.78 -13.76 12.06
C TRP B 380 46.40 -13.62 11.43
N SER B 381 45.56 -12.81 12.05
CA SER B 381 44.18 -12.71 11.57
C SER B 381 44.12 -11.75 10.40
N GLU B 382 45.17 -10.98 10.17
CA GLU B 382 45.11 -9.93 9.17
C GLU B 382 45.96 -10.18 7.92
N THR B 383 46.78 -11.24 7.92
CA THR B 383 47.46 -11.61 6.68
C THR B 383 46.49 -11.79 5.52
N THR B 384 45.41 -12.53 5.75
CA THR B 384 44.41 -12.71 4.73
C THR B 384 43.82 -11.39 4.27
N THR B 385 43.66 -10.47 5.21
CA THR B 385 43.05 -9.18 4.93
C THR B 385 43.92 -8.35 3.98
N VAL B 386 45.21 -8.53 4.12
CA VAL B 386 46.17 -7.84 3.26
C VAL B 386 46.07 -8.33 1.77
N PHE B 387 45.80 -9.62 1.54
CA PHE B 387 45.52 -10.16 0.21
C PHE B 387 44.12 -9.76 -0.32
N HIS B 388 43.13 -9.77 0.57
CA HIS B 388 41.78 -9.32 0.29
C HIS B 388 41.71 -7.88 -0.16
N GLU B 389 42.23 -6.99 0.65
CA GLU B 389 42.13 -5.55 0.39
C GLU B 389 43.23 -5.04 -0.60
N GLY B 390 44.33 -5.79 -0.69
CA GLY B 390 45.49 -5.42 -1.52
C GLY B 390 45.61 -6.26 -2.78
N VAL B 391 46.72 -6.99 -2.87
CA VAL B 391 47.03 -7.88 -3.99
C VAL B 391 46.87 -9.29 -3.51
N PRO B 392 46.11 -10.11 -4.24
CA PRO B 392 45.56 -9.88 -5.56
C PRO B 392 44.08 -9.51 -5.55
N GLY B 393 43.59 -9.10 -4.39
CA GLY B 393 42.25 -8.65 -4.19
C GLY B 393 41.94 -7.28 -4.76
N HIS B 394 41.41 -6.38 -3.95
CA HIS B 394 40.86 -5.13 -4.48
C HIS B 394 41.84 -4.39 -5.41
N HIS B 395 43.13 -4.36 -5.03
CA HIS B 395 44.09 -3.59 -5.79
C HIS B 395 44.15 -4.05 -7.23
N LEU B 396 44.26 -5.34 -7.47
CA LEU B 396 44.35 -5.72 -8.87
C LEU B 396 43.03 -5.47 -9.61
N GLN B 397 41.92 -5.70 -8.94
CA GLN B 397 40.60 -5.51 -9.60
C GLN B 397 40.36 -4.05 -9.87
N VAL B 398 40.46 -3.22 -8.83
CA VAL B 398 40.06 -1.83 -8.98
C VAL B 398 41.08 -1.13 -9.92
N ALA B 399 42.37 -1.41 -9.74
CA ALA B 399 43.40 -0.73 -10.53
C ALA B 399 43.37 -1.18 -11.96
N THR B 400 43.04 -2.45 -12.20
CA THR B 400 42.96 -2.93 -13.58
C THR B 400 41.77 -2.22 -14.30
N ALA B 401 40.63 -2.15 -13.65
CA ALA B 401 39.51 -1.38 -14.18
C ALA B 401 39.94 0.05 -14.49
N THR B 402 40.63 0.70 -13.52
CA THR B 402 41.08 2.06 -13.77
C THR B 402 42.06 2.13 -14.98
N TYR B 403 42.97 1.16 -15.06
CA TYR B 403 43.92 1.09 -16.15
C TYR B 403 43.26 1.00 -17.53
N ARG B 404 42.10 0.36 -17.61
CA ARG B 404 41.38 0.17 -18.87
C ARG B 404 40.33 1.27 -19.13
N ARG B 405 40.40 2.37 -18.41
CA ARG B 405 39.29 3.36 -18.43
C ARG B 405 39.05 4.01 -19.78
N GLU B 406 40.07 4.14 -20.64
CA GLU B 406 39.83 4.76 -21.97
C GLU B 406 38.98 3.90 -22.86
N LEU B 407 38.84 2.63 -22.51
CA LEU B 407 37.99 1.70 -23.30
C LEU B 407 36.53 1.76 -22.83
N LEU B 408 36.28 2.48 -21.74
CA LEU B 408 35.03 2.35 -21.00
C LEU B 408 34.26 3.70 -20.97
N ASN B 409 32.99 3.66 -21.34
CA ASN B 409 32.11 4.84 -21.31
C ASN B 409 31.81 5.28 -19.87
N ASN B 410 31.11 6.40 -19.73
CA ASN B 410 31.00 7.03 -18.42
C ASN B 410 30.10 6.26 -17.48
N TRP B 411 29.13 5.56 -18.02
CA TRP B 411 28.29 4.69 -17.24
C TRP B 411 29.09 3.54 -16.70
N ARG B 412 29.86 2.87 -17.54
CA ARG B 412 30.72 1.78 -17.07
C ARG B 412 31.66 2.22 -15.99
N ARG B 413 32.22 3.38 -16.18
CA ARG B 413 33.27 3.90 -15.34
C ARG B 413 32.75 4.34 -14.03
N ASN B 414 31.67 5.10 -14.09
CA ASN B 414 31.32 5.94 -12.95
C ASN B 414 29.99 5.62 -12.28
N VAL B 415 29.23 4.71 -12.86
CA VAL B 415 27.90 4.37 -12.41
C VAL B 415 27.83 2.88 -12.09
N CYS B 416 28.04 2.03 -13.09
CA CYS B 416 27.83 0.61 -12.87
C CYS B 416 28.79 0.04 -11.82
N TRP B 417 28.24 -0.44 -10.71
CA TRP B 417 29.04 -1.08 -9.64
C TRP B 417 28.22 -2.12 -8.87
N VAL B 418 28.73 -3.34 -8.76
CA VAL B 418 27.96 -4.46 -8.14
C VAL B 418 28.80 -5.07 -7.03
N SER B 419 28.25 -5.04 -5.83
CA SER B 419 28.91 -5.59 -4.65
C SER B 419 29.52 -6.96 -4.80
N GLY B 420 28.72 -7.89 -5.33
CA GLY B 420 29.14 -9.26 -5.48
C GLY B 420 30.30 -9.40 -6.41
N HIS B 421 30.42 -8.47 -7.34
CA HIS B 421 31.53 -8.52 -8.27
C HIS B 421 32.81 -8.28 -7.47
N GLY B 422 32.87 -7.14 -6.78
CA GLY B 422 34.15 -6.69 -6.24
C GLY B 422 34.43 -7.46 -4.96
N GLU B 423 33.39 -7.73 -4.16
CA GLU B 423 33.63 -8.44 -2.88
C GLU B 423 33.89 -9.92 -3.17
N GLY B 424 33.21 -10.45 -4.19
CA GLY B 424 33.40 -11.82 -4.59
C GLY B 424 34.81 -12.02 -5.14
N TRP B 425 35.32 -11.01 -5.85
CA TRP B 425 36.70 -10.99 -6.34
C TRP B 425 37.69 -11.04 -5.18
N ALA B 426 37.53 -10.17 -4.18
CA ALA B 426 38.44 -10.12 -3.04
C ALA B 426 38.53 -11.48 -2.30
N LEU B 427 37.38 -12.15 -2.19
CA LEU B 427 37.32 -13.51 -1.62
C LEU B 427 37.93 -14.59 -2.51
N TYR B 428 37.70 -14.49 -3.82
CA TYR B 428 38.40 -15.32 -4.73
C TYR B 428 39.92 -15.16 -4.59
N ALA B 429 40.42 -13.93 -4.43
CA ALA B 429 41.82 -13.60 -4.22
C ALA B 429 42.39 -14.26 -2.95
N GLU B 430 41.61 -14.23 -1.88
CA GLU B 430 42.07 -14.91 -0.65
C GLU B 430 42.11 -16.44 -0.87
N GLN B 431 41.12 -17.01 -1.55
CA GLN B 431 41.12 -18.43 -1.87
C GLN B 431 42.30 -18.78 -2.76
N LEU B 432 42.56 -17.97 -3.80
CA LEU B 432 43.72 -18.15 -4.63
C LEU B 432 45.03 -18.13 -3.80
N MSE B 433 45.16 -17.18 -2.87
CA MSE B 433 46.42 -17.16 -2.08
C MSE B 433 46.56 -18.37 -1.11
O MSE B 433 47.67 -18.87 -0.88
CB MSE B 433 46.58 -15.84 -1.32
CG MSE B 433 46.67 -14.60 -2.24
SE MSE B 433 48.08 -14.78 -3.53
CE MSE B 433 49.36 -13.69 -2.55
N LEU B 434 45.45 -18.87 -0.61
CA LEU B 434 45.49 -20.17 0.05
C LEU B 434 46.04 -21.24 -0.88
N GLU B 435 45.42 -21.39 -2.03
CA GLU B 435 45.81 -22.45 -2.96
C GLU B 435 47.23 -22.32 -3.52
N LEU B 436 47.75 -21.10 -3.61
CA LEU B 436 49.13 -20.86 -4.06
C LEU B 436 50.18 -21.00 -2.93
N GLY B 437 49.73 -21.28 -1.71
CA GLY B 437 50.62 -21.60 -0.63
C GLY B 437 51.06 -20.44 0.24
N TYR B 438 50.33 -19.33 0.22
CA TYR B 438 50.70 -18.15 1.01
C TYR B 438 50.20 -18.15 2.46
N LEU B 439 49.39 -19.14 2.79
CA LEU B 439 48.80 -19.28 4.11
C LEU B 439 49.21 -20.59 4.77
N LYS B 440 50.47 -20.94 4.62
CA LYS B 440 50.98 -22.18 5.21
C LYS B 440 51.16 -22.06 6.72
N ASP B 441 51.50 -20.87 7.22
CA ASP B 441 51.48 -20.64 8.64
C ASP B 441 50.05 -20.93 9.15
N PRO B 442 49.93 -21.80 10.15
CA PRO B 442 48.57 -22.13 10.60
C PRO B 442 47.77 -20.94 11.16
N GLY B 443 48.47 -19.98 11.75
CA GLY B 443 47.87 -18.74 12.16
C GLY B 443 47.25 -18.01 10.99
N ASP B 444 48.04 -17.82 9.93
CA ASP B 444 47.58 -17.10 8.74
C ASP B 444 46.41 -17.81 8.15
N HIS B 445 46.46 -19.15 8.14
CA HIS B 445 45.39 -20.02 7.61
C HIS B 445 44.10 -19.85 8.43
N MSE B 446 44.25 -19.90 9.75
CA MSE B 446 43.10 -19.71 10.64
C MSE B 446 42.42 -18.35 10.36
O MSE B 446 41.19 -18.29 10.31
CB MSE B 446 43.49 -19.79 12.12
CG MSE B 446 42.31 -19.74 13.10
SE MSE B 446 41.19 -21.32 12.92
CE MSE B 446 42.22 -22.52 14.13
N GLY B 447 43.20 -17.30 10.19
CA GLY B 447 42.64 -15.98 9.89
C GLY B 447 41.86 -15.95 8.59
N MSE B 448 42.40 -16.58 7.56
CA MSE B 448 41.64 -16.74 6.30
C MSE B 448 40.32 -17.48 6.54
O MSE B 448 39.23 -17.04 6.08
CB MSE B 448 42.46 -17.49 5.24
CG MSE B 448 41.79 -17.59 3.92
SE MSE B 448 40.91 -19.22 3.68
CE MSE B 448 40.32 -18.97 1.78
N LEU B 449 40.40 -18.59 7.26
CA LEU B 449 39.19 -19.36 7.55
C LEU B 449 38.19 -18.59 8.43
N ASP B 450 38.64 -17.79 9.40
CA ASP B 450 37.74 -16.97 10.20
C ASP B 450 36.87 -16.04 9.33
N GLY B 451 37.50 -15.33 8.40
CA GLY B 451 36.73 -14.43 7.55
C GLY B 451 35.82 -15.17 6.59
N GLN B 452 36.27 -16.32 6.08
CA GLN B 452 35.43 -17.15 5.21
C GLN B 452 34.23 -17.67 5.97
N ARG B 453 34.48 -18.14 7.20
CA ARG B 453 33.38 -18.60 8.07
C ARG B 453 32.33 -17.49 8.36
N MSE B 454 32.78 -16.31 8.70
CA MSE B 454 31.89 -15.21 8.96
C MSE B 454 31.01 -14.92 7.71
O MSE B 454 29.76 -14.80 7.80
CB MSE B 454 32.73 -13.97 9.37
CG MSE B 454 31.87 -12.82 9.73
SE MSE B 454 31.67 -11.70 8.23
CE MSE B 454 33.28 -10.64 8.73
N ARG B 455 31.64 -14.86 6.53
CA ARG B 455 30.93 -14.66 5.27
C ARG B 455 30.02 -15.81 4.80
N ALA B 456 30.39 -17.06 5.13
CA ALA B 456 29.50 -18.19 4.95
C ALA B 456 28.30 -18.09 5.87
N ALA B 457 28.53 -17.70 7.13
CA ALA B 457 27.44 -17.49 8.06
C ALA B 457 26.48 -16.40 7.58
N ARG B 458 26.97 -15.40 6.90
CA ARG B 458 26.12 -14.37 6.30
C ARG B 458 25.15 -14.97 5.30
N VAL B 459 25.58 -15.94 4.52
CA VAL B 459 24.70 -16.58 3.51
C VAL B 459 23.53 -17.31 4.17
N VAL B 460 23.88 -18.10 5.17
CA VAL B 460 22.90 -18.88 5.94
C VAL B 460 21.91 -18.00 6.63
N PHE B 461 22.41 -17.00 7.36
CA PHE B 461 21.51 -16.12 8.10
C PHE B 461 20.61 -15.35 7.12
N ASP B 462 21.17 -14.74 6.07
CA ASP B 462 20.43 -13.68 5.35
C ASP B 462 19.31 -14.37 4.62
N ILE B 463 19.61 -15.44 3.94
CA ILE B 463 18.57 -16.19 3.24
C ILE B 463 17.61 -16.93 4.14
N GLY B 464 18.18 -17.65 5.12
CA GLY B 464 17.41 -18.44 6.09
C GLY B 464 16.38 -17.59 6.82
N VAL B 465 16.80 -16.44 7.33
CA VAL B 465 15.88 -15.56 8.08
C VAL B 465 14.82 -14.91 7.24
N HIS B 466 15.26 -14.29 6.15
CA HIS B 466 14.39 -13.57 5.28
C HIS B 466 13.39 -14.46 4.55
N LEU B 467 13.76 -15.70 4.23
CA LEU B 467 12.78 -16.66 3.64
C LEU B 467 12.14 -17.59 4.69
N GLU B 468 12.49 -17.42 5.94
CA GLU B 468 11.97 -18.25 7.01
C GLU B 468 12.11 -19.76 6.69
N LEU B 469 13.34 -20.13 6.37
CA LEU B 469 13.68 -21.50 6.08
C LEU B 469 13.99 -22.33 7.33
N PRO B 470 14.10 -23.65 7.18
CA PRO B 470 14.37 -24.52 8.34
C PRO B 470 15.78 -24.34 8.83
N VAL B 471 15.94 -24.18 10.15
CA VAL B 471 17.27 -24.07 10.74
C VAL B 471 18.03 -25.39 10.55
N PRO B 472 19.32 -25.35 10.21
CA PRO B 472 20.10 -26.57 10.13
C PRO B 472 20.28 -27.18 11.53
N GLU B 473 20.41 -28.48 11.60
CA GLU B 473 20.63 -29.20 12.85
C GLU B 473 21.64 -28.56 13.83
N ARG B 474 22.79 -28.17 13.31
CA ARG B 474 23.86 -27.67 14.15
C ARG B 474 23.48 -26.42 14.91
N TRP B 475 22.57 -25.66 14.31
CA TRP B 475 22.30 -24.33 14.74
C TRP B 475 20.96 -24.24 15.35
N GLY B 476 20.17 -25.32 15.23
CA GLY B 476 18.92 -25.38 15.92
C GLY B 476 17.84 -26.22 15.28
N THR B 477 16.59 -25.86 15.58
CA THR B 477 15.41 -26.62 15.15
C THR B 477 14.36 -25.63 14.71
N GLY B 478 13.32 -26.13 14.09
CA GLY B 478 12.28 -25.32 13.56
C GLY B 478 12.76 -24.40 12.45
N THR B 479 12.09 -23.24 12.40
CA THR B 479 12.20 -22.24 11.33
C THR B 479 13.04 -21.11 11.85
N TRP B 480 13.86 -20.49 11.02
CA TRP B 480 14.57 -19.32 11.48
C TRP B 480 13.68 -18.22 12.00
N THR B 481 14.13 -17.59 13.09
CA THR B 481 13.58 -16.35 13.58
C THR B 481 14.76 -15.42 13.80
N PRO B 482 14.50 -14.14 13.89
CA PRO B 482 15.63 -13.25 14.13
C PRO B 482 16.36 -13.57 15.40
N GLU B 483 15.64 -13.94 16.46
CA GLU B 483 16.27 -14.38 17.73
C GLU B 483 17.20 -15.61 17.61
N LYS B 484 16.78 -16.66 16.90
CA LYS B 484 17.69 -17.76 16.59
C LYS B 484 18.88 -17.33 15.74
N GLY B 485 18.60 -16.45 14.80
CA GLY B 485 19.61 -15.90 13.95
C GLY B 485 20.69 -15.18 14.69
N PHE B 486 20.31 -14.45 15.70
CA PHE B 486 21.30 -13.68 16.49
C PHE B 486 22.27 -14.61 17.20
N ASP B 487 21.73 -15.63 17.85
CA ASP B 487 22.58 -16.65 18.49
C ASP B 487 23.49 -17.41 17.49
N PHE B 488 22.98 -17.68 16.31
CA PHE B 488 23.79 -18.18 15.24
C PHE B 488 24.95 -17.25 14.88
N LEU B 489 24.68 -15.96 14.75
CA LEU B 489 25.78 -15.05 14.38
C LEU B 489 26.77 -14.97 15.50
N LYS B 490 26.29 -14.99 16.74
CA LYS B 490 27.19 -14.92 17.89
C LYS B 490 28.20 -16.08 17.87
N ALA B 491 27.74 -17.23 17.42
CA ALA B 491 28.56 -18.44 17.41
C ALA B 491 29.60 -18.41 16.27
N ASN B 492 29.31 -17.66 15.21
CA ASN B 492 30.09 -17.65 13.99
C ASN B 492 30.89 -16.39 13.69
N LEU B 493 30.57 -15.27 14.33
CA LEU B 493 31.30 -14.05 14.04
C LEU B 493 32.07 -13.69 15.27
N ASP B 494 33.35 -13.50 15.11
CA ASP B 494 34.17 -13.19 16.22
C ASP B 494 34.44 -11.70 16.28
N ILE B 495 33.46 -10.96 16.80
CA ILE B 495 33.50 -9.50 16.88
C ILE B 495 32.89 -9.03 18.21
N SER B 496 32.98 -7.75 18.52
CA SER B 496 32.39 -7.20 19.76
C SER B 496 30.85 -7.34 19.86
N GLU B 497 30.30 -7.23 21.10
CA GLU B 497 28.85 -7.28 21.27
C GLU B 497 28.26 -6.15 20.45
N GLY B 498 28.91 -4.97 20.46
CA GLY B 498 28.47 -3.80 19.73
C GLY B 498 28.32 -4.06 18.24
N GLN B 499 29.37 -4.56 17.66
CA GLN B 499 29.42 -4.84 16.23
C GLN B 499 28.52 -6.01 15.84
N LEU B 500 28.37 -6.99 16.71
CA LEU B 500 27.48 -8.09 16.43
C LEU B 500 26.07 -7.54 16.30
N GLN B 501 25.65 -6.70 17.28
CA GLN B 501 24.31 -6.16 17.22
C GLN B 501 24.13 -5.35 15.94
N PHE B 502 25.14 -4.60 15.55
CA PHE B 502 25.05 -3.81 14.34
C PHE B 502 24.93 -4.66 13.07
N GLU B 503 25.75 -5.68 12.95
CA GLU B 503 25.67 -6.61 11.85
C GLU B 503 24.31 -7.31 11.76
N PHE B 504 23.81 -7.83 12.89
CA PHE B 504 22.48 -8.46 12.94
C PHE B 504 21.37 -7.55 12.40
N THR B 505 21.39 -6.31 12.85
CA THR B 505 20.38 -5.30 12.47
C THR B 505 20.55 -4.94 11.00
N ARG B 506 21.79 -4.86 10.57
CA ARG B 506 22.11 -4.61 9.16
C ARG B 506 21.47 -5.67 8.28
N TYR B 507 21.72 -6.94 8.60
CA TYR B 507 21.33 -7.99 7.68
C TYR B 507 19.80 -8.02 7.60
N LEU B 508 19.13 -7.76 8.72
CA LEU B 508 17.69 -7.73 8.78
C LEU B 508 17.10 -6.62 7.97
N GLY B 509 17.77 -5.47 7.98
CA GLY B 509 17.25 -4.30 7.30
C GLY B 509 17.70 -4.12 5.87
N TRP B 510 18.77 -4.80 5.47
CA TRP B 510 19.37 -4.59 4.15
C TRP B 510 19.47 -5.94 3.50
N PRO B 511 18.33 -6.57 3.29
CA PRO B 511 18.40 -7.90 2.76
C PRO B 511 19.13 -7.96 1.43
N GLY B 512 19.75 -9.14 1.21
CA GLY B 512 20.41 -9.47 -0.02
C GLY B 512 21.89 -9.17 -0.08
N GLN B 513 22.34 -8.22 0.71
CA GLN B 513 23.68 -7.79 0.61
C GLN B 513 24.67 -8.77 1.28
N ALA B 514 24.31 -9.31 2.45
CA ALA B 514 25.21 -10.12 3.24
C ALA B 514 25.78 -11.33 2.49
N PRO B 515 24.95 -12.06 1.74
CA PRO B 515 25.49 -13.23 0.98
C PRO B 515 26.36 -12.90 -0.21
N SER B 516 26.39 -11.63 -0.62
CA SER B 516 27.00 -11.24 -1.89
C SER B 516 28.49 -11.48 -1.93
N TYR B 517 29.14 -11.45 -0.77
CA TYR B 517 30.55 -11.78 -0.64
C TYR B 517 30.83 -13.25 -1.06
N LYS B 518 30.31 -14.21 -0.29
CA LYS B 518 30.56 -15.61 -0.56
C LYS B 518 29.88 -16.12 -1.83
N VAL B 519 28.68 -15.62 -2.14
CA VAL B 519 28.01 -15.98 -3.37
C VAL B 519 28.76 -15.39 -4.54
N GLY B 520 29.22 -14.18 -4.43
CA GLY B 520 30.12 -13.65 -5.47
C GLY B 520 31.35 -14.54 -5.70
N GLN B 521 31.97 -14.99 -4.60
CA GLN B 521 33.10 -15.89 -4.68
C GLN B 521 32.70 -17.14 -5.42
N ARG B 522 31.55 -17.74 -5.04
CA ARG B 522 31.09 -18.98 -5.67
C ARG B 522 31.04 -18.80 -7.18
N LEU B 523 30.46 -17.70 -7.64
CA LEU B 523 30.14 -17.50 -9.06
C LEU B 523 31.41 -17.19 -9.85
N TRP B 524 32.35 -16.47 -9.26
CA TRP B 524 33.65 -16.25 -9.87
C TRP B 524 34.35 -17.59 -10.04
N GLU B 525 34.29 -18.44 -9.01
CA GLU B 525 34.95 -19.77 -9.05
C GLU B 525 34.29 -20.68 -10.08
N GLN B 526 32.98 -20.55 -10.22
CA GLN B 526 32.26 -21.30 -11.23
C GLN B 526 32.70 -20.96 -12.65
N ILE B 527 32.84 -19.68 -12.92
CA ILE B 527 33.30 -19.25 -14.26
C ILE B 527 34.69 -19.84 -14.56
N ARG B 528 35.59 -19.74 -13.59
CA ARG B 528 36.93 -20.24 -13.81
C ARG B 528 36.92 -21.76 -14.03
N ALA B 529 36.11 -22.47 -13.22
CA ALA B 529 36.04 -23.90 -13.27
C ALA B 529 35.53 -24.33 -14.65
N GLU B 530 34.55 -23.61 -15.21
CA GLU B 530 34.05 -23.96 -16.54
C GLU B 530 35.15 -23.72 -17.60
N LEU B 531 35.88 -22.61 -17.51
CA LEU B 531 36.90 -22.32 -18.51
C LEU B 531 38.11 -23.25 -18.36
N GLU B 532 38.40 -23.62 -17.13
CA GLU B 532 39.48 -24.60 -16.89
C GLU B 532 39.25 -25.92 -17.60
N SER B 533 37.98 -26.29 -17.78
CA SER B 533 37.63 -27.56 -18.43
C SER B 533 37.91 -27.57 -19.93
N ARG B 534 38.25 -26.41 -20.51
CA ARG B 534 38.48 -26.29 -21.97
C ARG B 534 39.94 -26.30 -22.36
N GLU B 535 40.20 -26.79 -23.58
CA GLU B 535 41.55 -27.05 -24.10
C GLU B 535 42.61 -25.98 -23.77
N GLY B 536 42.49 -24.75 -24.24
CA GLY B 536 43.66 -23.84 -24.11
C GLY B 536 43.78 -22.97 -22.84
N PHE B 537 43.12 -23.36 -21.74
CA PHE B 537 42.98 -22.47 -20.57
C PHE B 537 44.32 -21.93 -20.10
N ASP B 538 44.36 -20.62 -19.87
CA ASP B 538 45.53 -19.99 -19.36
C ASP B 538 45.04 -19.07 -18.22
N LEU B 539 45.51 -19.34 -17.01
CA LEU B 539 45.01 -18.66 -15.82
C LEU B 539 45.25 -17.14 -15.91
N LYS B 540 46.46 -16.77 -16.31
CA LYS B 540 46.76 -15.33 -16.36
C LYS B 540 45.93 -14.55 -17.42
N SER B 541 45.70 -15.17 -18.58
CA SER B 541 44.80 -14.64 -19.63
C SER B 541 43.36 -14.48 -19.18
N PHE B 542 42.87 -15.49 -18.44
CA PHE B 542 41.54 -15.44 -17.83
C PHE B 542 41.42 -14.29 -16.83
N HIS B 543 42.39 -14.16 -15.93
CA HIS B 543 42.36 -13.06 -15.00
C HIS B 543 42.38 -11.66 -15.70
N SER B 544 43.23 -11.50 -16.68
CA SER B 544 43.30 -10.23 -17.38
C SER B 544 41.97 -9.95 -18.09
N LYS B 545 41.46 -10.92 -18.82
CA LYS B 545 40.21 -10.72 -19.55
C LYS B 545 39.08 -10.35 -18.59
N ALA B 546 39.01 -11.05 -17.47
CA ALA B 546 37.96 -10.79 -16.48
C ALA B 546 38.11 -9.45 -15.85
N LEU B 547 39.30 -9.14 -15.37
CA LEU B 547 39.46 -7.91 -14.64
C LEU B 547 39.40 -6.67 -15.53
N ASN B 548 39.72 -6.80 -16.82
CA ASN B 548 39.65 -5.68 -17.73
C ASN B 548 38.20 -5.17 -17.92
N ILE B 549 37.19 -5.99 -17.63
CA ILE B 549 35.75 -5.62 -17.83
C ILE B 549 35.29 -4.58 -16.80
N GLY B 550 35.93 -4.57 -15.65
CA GLY B 550 35.47 -3.76 -14.53
C GLY B 550 34.23 -4.32 -13.89
N SER B 551 33.59 -3.50 -13.06
CA SER B 551 32.46 -3.93 -12.20
C SER B 551 31.16 -4.10 -12.99
N VAL B 552 30.67 -5.34 -13.11
CA VAL B 552 29.40 -5.65 -13.73
C VAL B 552 28.81 -6.81 -12.88
N GLY B 553 27.54 -7.14 -13.08
CA GLY B 553 26.89 -8.18 -12.29
C GLY B 553 27.43 -9.54 -12.71
N LEU B 554 27.35 -10.52 -11.79
CA LEU B 554 27.99 -11.80 -12.01
C LEU B 554 27.38 -12.55 -13.25
N ASP B 555 26.11 -12.35 -13.56
CA ASP B 555 25.55 -12.97 -14.80
C ASP B 555 26.23 -12.38 -16.02
N VAL B 556 26.35 -11.06 -15.99
CA VAL B 556 26.99 -10.33 -17.11
C VAL B 556 28.48 -10.75 -17.31
N LEU B 557 29.19 -10.88 -16.22
CA LEU B 557 30.57 -11.33 -16.21
C LEU B 557 30.69 -12.72 -16.78
N ARG B 558 29.79 -13.62 -16.40
CA ARG B 558 29.81 -14.96 -16.90
C ARG B 558 29.62 -14.98 -18.43
N ARG B 559 28.57 -14.29 -18.86
CA ARG B 559 28.31 -14.15 -20.30
C ARG B 559 29.43 -13.53 -21.10
N ALA B 560 30.18 -12.62 -20.50
CA ALA B 560 31.33 -11.98 -21.14
C ALA B 560 32.54 -12.94 -21.24
N LEU B 561 32.59 -13.92 -20.38
CA LEU B 561 33.74 -14.85 -20.36
C LEU B 561 33.52 -16.22 -20.94
N LEU B 562 32.28 -16.73 -20.93
CA LEU B 562 32.02 -18.08 -21.45
C LEU B 562 31.69 -18.15 -22.96
C1 GOL C . -1.95 8.54 5.75
O1 GOL C . -2.85 8.51 6.83
C2 GOL C . -2.49 9.23 4.51
O2 GOL C . -3.14 8.24 3.74
C3 GOL C . -3.45 10.38 4.76
O3 GOL C . -4.67 10.09 4.08
MG MG D . -29.78 -4.93 -1.66
MG MG E . -0.04 -2.29 -6.44
MG MG F . 36.95 -4.12 1.09
#